data_1JTX
#
_entry.id   1JTX
#
_cell.length_a   172.900
_cell.length_b   172.900
_cell.length_c   95.100
_cell.angle_alpha   90.00
_cell.angle_beta   90.00
_cell.angle_gamma   90.00
#
_symmetry.space_group_name_H-M   'P 42 21 2'
#
loop_
_entity.id
_entity.type
_entity.pdbx_description
1 polymer "HYPOTHETICAL TRANSCRIPTIONAL REGULATOR IN QACA 5'REGION"
2 non-polymer 'SULFATE ION'
3 non-polymer 'CRYSTAL VIOLET'
4 water water
#
_entity_poly.entity_id   1
_entity_poly.type   'polypeptide(L)'
_entity_poly.pdbx_seq_one_letter_code
;MNLKDKILGVAKELFIKNGYNATTTGEIVKLSESSKGNLYYHFKTKENLFLEILNIEESKWQEQWKKEQIKAKTNREKFY
LYNELSLTTEYYYPLQNAIIEFYTEYYKTNSINEKMNKLENKYIDAYHVIFKEGNLNGEWSINDVNAVSKIAANAVNGIV
TFTHEQNINERIKLMNKFSQIFLNGLSKHHHHHH
;
_entity_poly.pdbx_strand_id   B,D,A,E
#
loop_
_chem_comp.id
_chem_comp.type
_chem_comp.name
_chem_comp.formula
CVI non-polymer 'CRYSTAL VIOLET' 'C25 H30 N3 1'
SO4 non-polymer 'SULFATE ION' 'O4 S -2'
#
# COMPACT_ATOMS: atom_id res chain seq x y z
N ASN A 2 39.60 21.45 -29.28
CA ASN A 2 40.06 22.19 -28.08
C ASN A 2 40.04 21.27 -26.85
N LEU A 3 40.52 21.77 -25.71
CA LEU A 3 40.53 20.97 -24.49
C LEU A 3 39.31 21.23 -23.62
N LYS A 4 39.29 22.35 -22.92
CA LYS A 4 38.15 22.67 -22.06
C LYS A 4 36.84 22.54 -22.86
N ASP A 5 36.92 22.73 -24.17
CA ASP A 5 35.75 22.64 -25.01
C ASP A 5 35.34 21.23 -25.41
N LYS A 6 36.20 20.25 -25.19
CA LYS A 6 35.84 18.88 -25.52
C LYS A 6 35.13 18.31 -24.30
N ILE A 7 35.63 18.73 -23.14
CA ILE A 7 35.10 18.33 -21.85
C ILE A 7 33.67 18.83 -21.77
N LEU A 8 33.54 20.16 -21.69
CA LEU A 8 32.26 20.83 -21.59
C LEU A 8 31.16 20.18 -22.43
N GLY A 9 31.52 19.74 -23.63
CA GLY A 9 30.55 19.12 -24.50
C GLY A 9 30.00 17.82 -23.95
N VAL A 10 30.89 16.97 -23.47
CA VAL A 10 30.47 15.68 -22.93
C VAL A 10 29.71 15.92 -21.64
N ALA A 11 30.22 16.81 -20.81
CA ALA A 11 29.55 17.11 -19.57
C ALA A 11 28.10 17.47 -19.90
N LYS A 12 27.89 18.59 -20.60
CA LYS A 12 26.53 18.99 -20.97
C LYS A 12 25.80 17.75 -21.49
N GLU A 13 26.53 16.92 -22.21
CA GLU A 13 25.95 15.72 -22.77
C GLU A 13 25.37 14.87 -21.64
N LEU A 14 26.23 14.52 -20.69
CA LEU A 14 25.81 13.70 -19.53
C LEU A 14 24.88 14.37 -18.54
N PHE A 15 25.14 15.64 -18.20
CA PHE A 15 24.28 16.35 -17.26
C PHE A 15 22.82 16.31 -17.69
N ILE A 16 22.59 16.38 -18.99
CA ILE A 16 21.24 16.34 -19.53
C ILE A 16 20.78 14.89 -19.52
N LYS A 17 21.51 14.05 -20.24
CA LYS A 17 21.18 12.63 -20.35
C LYS A 17 21.03 11.82 -19.04
N ASN A 18 21.63 12.27 -17.94
CA ASN A 18 21.52 11.49 -16.72
C ASN A 18 21.04 12.26 -15.51
N GLY A 19 21.58 13.45 -15.28
CA GLY A 19 21.20 14.23 -14.12
C GLY A 19 22.47 14.67 -13.48
N TYR A 20 22.42 15.68 -12.61
CA TYR A 20 23.63 16.17 -11.98
C TYR A 20 24.58 15.10 -11.43
N ASN A 21 24.22 14.50 -10.29
CA ASN A 21 25.06 13.45 -9.67
C ASN A 21 25.16 12.21 -10.55
N ALA A 22 24.01 11.84 -11.10
CA ALA A 22 23.91 10.69 -11.97
C ALA A 22 25.21 10.62 -12.77
N THR A 23 25.69 11.77 -13.23
CA THR A 23 26.93 11.84 -13.99
C THR A 23 28.07 12.26 -13.08
N THR A 24 29.20 11.57 -13.21
CA THR A 24 30.37 11.86 -12.39
C THR A 24 31.63 12.11 -13.20
N THR A 25 32.65 12.66 -12.54
CA THR A 25 33.92 12.96 -13.18
C THR A 25 34.50 11.69 -13.81
N GLY A 26 34.47 10.60 -13.05
CA GLY A 26 34.97 9.34 -13.57
C GLY A 26 34.46 9.20 -14.99
N GLU A 27 33.15 9.18 -15.13
CA GLU A 27 32.51 9.05 -16.44
C GLU A 27 33.09 10.01 -17.48
N ILE A 28 32.88 11.30 -17.25
CA ILE A 28 33.34 12.36 -18.15
C ILE A 28 34.65 12.01 -18.84
N VAL A 29 35.65 11.71 -18.03
CA VAL A 29 36.96 11.37 -18.54
C VAL A 29 36.85 10.28 -19.61
N LYS A 30 36.27 9.15 -19.22
CA LYS A 30 36.09 8.00 -20.13
C LYS A 30 35.80 8.40 -21.58
N LEU A 31 34.74 9.17 -21.81
CA LEU A 31 34.39 9.59 -23.16
C LEU A 31 34.80 11.04 -23.40
N SER A 32 36.00 11.39 -22.94
CA SER A 32 36.51 12.74 -23.12
C SER A 32 38.03 12.74 -23.12
N GLU A 33 38.62 11.59 -22.77
CA GLU A 33 40.07 11.39 -22.72
C GLU A 33 40.84 12.55 -22.07
N SER A 34 41.20 12.37 -20.81
CA SER A 34 41.94 13.39 -20.09
C SER A 34 42.28 13.00 -18.66
N SER A 35 43.24 13.71 -18.08
CA SER A 35 43.65 13.44 -16.71
C SER A 35 42.54 13.92 -15.79
N LYS A 36 42.30 13.16 -14.74
CA LYS A 36 41.28 13.53 -13.78
C LYS A 36 41.66 14.86 -13.13
N GLY A 37 42.80 15.41 -13.54
CA GLY A 37 43.25 16.68 -12.98
C GLY A 37 42.92 17.88 -13.85
N ASN A 38 43.12 17.72 -15.16
CA ASN A 38 42.86 18.79 -16.11
C ASN A 38 41.69 19.65 -15.66
N LEU A 39 40.61 18.95 -15.35
CA LEU A 39 39.37 19.57 -14.92
C LEU A 39 39.53 20.48 -13.72
N TYR A 40 40.73 20.54 -13.15
CA TYR A 40 40.95 21.36 -11.95
C TYR A 40 41.38 22.82 -12.14
N TYR A 41 42.21 23.11 -13.15
CA TYR A 41 42.64 24.49 -13.36
C TYR A 41 41.49 25.31 -13.94
N HIS A 42 41.11 24.99 -15.18
CA HIS A 42 40.03 25.69 -15.87
C HIS A 42 38.79 25.79 -15.00
N PHE A 43 38.26 24.64 -14.59
CA PHE A 43 37.09 24.62 -13.72
C PHE A 43 37.58 24.23 -12.32
N LYS A 44 37.15 24.97 -11.31
CA LYS A 44 37.56 24.68 -9.94
C LYS A 44 37.05 23.31 -9.45
N THR A 45 35.79 22.99 -9.74
CA THR A 45 35.19 21.72 -9.31
C THR A 45 34.04 21.27 -10.21
N LYS A 46 33.37 20.17 -9.87
CA LYS A 46 32.23 19.70 -10.65
C LYS A 46 31.15 20.77 -10.60
N GLU A 47 31.12 21.55 -9.52
CA GLU A 47 30.14 22.61 -9.39
C GLU A 47 30.47 23.65 -10.46
N ASN A 48 31.77 23.79 -10.71
CA ASN A 48 32.29 24.72 -11.70
C ASN A 48 31.94 24.22 -13.08
N LEU A 49 32.47 23.04 -13.44
CA LEU A 49 32.20 22.43 -14.74
C LEU A 49 30.72 22.51 -15.07
N PHE A 50 29.87 22.37 -14.05
CA PHE A 50 28.44 22.45 -14.27
C PHE A 50 28.10 23.92 -14.48
N LEU A 51 28.26 24.73 -13.44
CA LEU A 51 27.95 26.17 -13.54
C LEU A 51 28.48 26.83 -14.81
N GLU A 52 29.54 26.26 -15.39
CA GLU A 52 30.14 26.77 -16.61
C GLU A 52 29.18 26.49 -17.75
N ILE A 53 28.91 25.20 -17.95
CA ILE A 53 27.99 24.76 -18.96
C ILE A 53 26.74 25.61 -18.87
N LEU A 54 26.23 25.83 -17.67
CA LEU A 54 25.04 26.64 -17.53
C LEU A 54 25.28 28.02 -18.11
N ASN A 55 26.38 28.64 -17.71
CA ASN A 55 26.71 29.98 -18.18
C ASN A 55 26.71 30.10 -19.71
N ILE A 56 27.34 29.14 -20.37
CA ILE A 56 27.41 29.12 -21.83
C ILE A 56 26.02 29.08 -22.43
N GLU A 57 25.21 28.14 -21.94
CA GLU A 57 23.86 27.92 -22.39
C GLU A 57 23.01 29.16 -22.25
N GLU A 58 23.02 29.77 -21.07
CA GLU A 58 22.22 30.99 -20.88
C GLU A 58 22.72 32.07 -21.86
N SER A 59 23.95 31.94 -22.33
CA SER A 59 24.50 32.90 -23.29
C SER A 59 24.01 32.56 -24.69
N LYS A 60 24.25 31.32 -25.12
CA LYS A 60 23.79 30.89 -26.43
C LYS A 60 22.29 31.21 -26.62
N TRP A 61 21.44 30.66 -25.77
CA TRP A 61 20.00 30.91 -25.89
C TRP A 61 19.66 32.40 -25.92
N GLN A 62 20.34 33.17 -25.09
CA GLN A 62 20.09 34.60 -25.00
C GLN A 62 20.41 35.29 -26.32
N GLU A 63 21.45 34.78 -26.95
CA GLU A 63 21.94 35.29 -28.20
C GLU A 63 20.98 34.92 -29.34
N GLN A 64 20.55 33.66 -29.34
CA GLN A 64 19.62 33.16 -30.34
C GLN A 64 18.39 34.06 -30.33
N TRP A 65 17.85 34.28 -29.14
CA TRP A 65 16.69 35.13 -28.96
C TRP A 65 16.94 36.52 -29.57
N LYS A 66 18.17 37.01 -29.44
CA LYS A 66 18.54 38.31 -29.97
C LYS A 66 18.42 38.26 -31.50
N LYS A 67 18.91 37.17 -32.08
CA LYS A 67 18.83 36.97 -33.51
C LYS A 67 17.43 36.45 -33.97
N GLU A 68 16.39 36.68 -33.18
CA GLU A 68 15.07 36.22 -33.57
C GLU A 68 13.96 37.14 -33.12
N GLN A 69 14.21 37.94 -32.11
CA GLN A 69 13.17 38.85 -31.63
C GLN A 69 12.82 39.91 -32.68
N ILE A 70 13.69 40.03 -33.68
CA ILE A 70 13.51 40.98 -34.77
C ILE A 70 12.17 40.66 -35.43
N LYS A 71 11.92 39.37 -35.61
CA LYS A 71 10.69 38.94 -36.22
C LYS A 71 9.45 39.36 -35.41
N ALA A 72 9.65 40.05 -34.30
CA ALA A 72 8.51 40.50 -33.49
C ALA A 72 8.56 42.00 -33.34
N LYS A 73 7.66 42.68 -34.03
CA LYS A 73 7.61 44.14 -34.03
C LYS A 73 7.19 44.80 -32.73
N THR A 74 6.23 44.22 -32.00
CA THR A 74 5.81 44.79 -30.72
C THR A 74 6.34 43.90 -29.60
N ASN A 75 6.44 44.44 -28.39
CA ASN A 75 6.91 43.63 -27.29
C ASN A 75 5.86 42.59 -26.94
N ARG A 76 4.60 42.97 -27.07
CA ARG A 76 3.52 42.03 -26.81
C ARG A 76 3.88 40.78 -27.62
N GLU A 77 4.28 40.98 -28.86
CA GLU A 77 4.66 39.88 -29.74
C GLU A 77 5.96 39.23 -29.24
N LYS A 78 6.92 40.05 -28.80
CA LYS A 78 8.17 39.51 -28.29
C LYS A 78 7.90 38.57 -27.11
N PHE A 79 6.92 38.92 -26.29
CA PHE A 79 6.53 38.10 -25.14
C PHE A 79 6.05 36.72 -25.65
N TYR A 80 4.98 36.69 -26.45
CA TYR A 80 4.47 35.44 -27.01
C TYR A 80 5.57 34.64 -27.69
N LEU A 81 6.40 35.33 -28.46
CA LEU A 81 7.47 34.67 -29.17
C LEU A 81 8.53 34.04 -28.26
N TYR A 82 9.02 34.78 -27.28
CA TYR A 82 10.04 34.23 -26.37
C TYR A 82 9.51 32.95 -25.71
N ASN A 83 8.32 33.01 -25.14
CA ASN A 83 7.77 31.84 -24.48
C ASN A 83 7.62 30.67 -25.43
N GLU A 84 7.20 30.94 -26.67
CA GLU A 84 7.06 29.88 -27.68
C GLU A 84 8.45 29.24 -27.97
N LEU A 85 9.44 30.06 -28.35
CA LEU A 85 10.75 29.51 -28.64
C LEU A 85 11.32 28.69 -27.49
N SER A 86 10.92 29.08 -26.28
CA SER A 86 11.37 28.39 -25.06
C SER A 86 11.11 26.90 -25.17
N LEU A 87 10.04 26.53 -25.88
CA LEU A 87 9.70 25.12 -26.06
C LEU A 87 10.55 24.42 -27.10
N THR A 88 10.99 25.12 -28.13
CA THR A 88 11.78 24.47 -29.17
C THR A 88 13.30 24.52 -29.08
N THR A 89 13.85 25.61 -28.56
CA THR A 89 15.31 25.75 -28.41
C THR A 89 16.02 24.44 -28.02
N GLU A 90 17.34 24.46 -28.12
CA GLU A 90 18.14 23.32 -27.73
C GLU A 90 19.02 23.80 -26.56
N TYR A 91 18.83 25.04 -26.14
CA TYR A 91 19.64 25.60 -25.07
C TYR A 91 19.01 25.80 -23.70
N TYR A 92 19.85 25.64 -22.68
CA TYR A 92 19.47 25.86 -21.29
C TYR A 92 18.35 24.96 -20.77
N TYR A 93 17.12 25.21 -21.24
CA TYR A 93 15.96 24.44 -20.81
C TYR A 93 16.21 22.93 -20.83
N PRO A 94 16.94 22.42 -21.83
CA PRO A 94 17.18 20.97 -21.86
C PRO A 94 17.81 20.38 -20.61
N LEU A 95 18.26 21.18 -19.67
CA LEU A 95 18.81 20.57 -18.47
C LEU A 95 18.40 21.31 -17.21
N GLN A 96 17.12 21.65 -17.21
CA GLN A 96 16.47 22.35 -16.13
C GLN A 96 16.35 21.30 -15.03
N ASN A 97 16.22 20.04 -15.43
CA ASN A 97 16.12 18.94 -14.47
C ASN A 97 17.38 18.82 -13.65
N ALA A 98 18.53 18.89 -14.33
CA ALA A 98 19.81 18.80 -13.65
C ALA A 98 19.98 20.00 -12.76
N ILE A 99 19.47 21.14 -13.17
CA ILE A 99 19.59 22.32 -12.34
C ILE A 99 18.80 22.06 -11.04
N ILE A 100 17.57 21.59 -11.17
CA ILE A 100 16.74 21.30 -10.02
C ILE A 100 17.45 20.34 -9.08
N GLU A 101 18.11 19.34 -9.65
CA GLU A 101 18.86 18.35 -8.90
C GLU A 101 19.94 19.14 -8.18
N PHE A 102 20.79 19.79 -8.96
CA PHE A 102 21.88 20.60 -8.46
C PHE A 102 21.50 21.60 -7.36
N TYR A 103 20.42 22.34 -7.54
CA TYR A 103 20.06 23.29 -6.50
C TYR A 103 19.64 22.58 -5.22
N THR A 104 19.06 21.39 -5.33
CA THR A 104 18.63 20.70 -4.12
C THR A 104 19.78 19.92 -3.52
N GLU A 105 20.96 20.05 -4.12
CA GLU A 105 22.08 19.29 -3.60
C GLU A 105 23.28 20.10 -3.28
N TYR A 106 23.09 21.41 -3.31
CA TYR A 106 24.15 22.33 -2.97
C TYR A 106 23.51 23.55 -2.35
N TYR A 107 22.18 23.58 -2.32
CA TYR A 107 21.46 24.72 -1.75
C TYR A 107 21.92 25.02 -0.32
N LYS A 108 22.52 24.03 0.34
CA LYS A 108 23.01 24.19 1.71
C LYS A 108 24.34 24.96 1.82
N THR A 109 25.08 25.06 0.72
CA THR A 109 26.36 25.78 0.73
C THR A 109 26.09 27.23 0.32
N ASN A 110 26.65 28.20 1.05
CA ASN A 110 26.41 29.61 0.73
C ASN A 110 27.26 30.13 -0.42
N SER A 111 27.46 29.29 -1.42
CA SER A 111 28.21 29.68 -2.61
C SER A 111 27.21 29.57 -3.75
N ILE A 112 26.01 29.11 -3.39
CA ILE A 112 24.87 28.92 -4.30
C ILE A 112 24.27 30.28 -4.61
N ASN A 113 23.93 31.00 -3.55
CA ASN A 113 23.33 32.31 -3.66
C ASN A 113 24.17 33.30 -4.46
N GLU A 114 25.35 32.86 -4.91
CA GLU A 114 26.24 33.72 -5.69
C GLU A 114 26.05 33.48 -7.18
N LYS A 115 26.49 32.33 -7.65
CA LYS A 115 26.36 31.98 -9.07
C LYS A 115 24.91 31.61 -9.39
N MET A 116 24.24 30.92 -8.47
CA MET A 116 22.85 30.52 -8.67
C MET A 116 21.94 31.75 -8.50
N ASN A 117 22.56 32.92 -8.54
CA ASN A 117 21.85 34.20 -8.44
C ASN A 117 22.48 35.10 -9.50
N LYS A 118 23.58 34.61 -10.07
CA LYS A 118 24.28 35.31 -11.13
C LYS A 118 23.53 35.00 -12.43
N LEU A 119 23.23 33.71 -12.61
CA LEU A 119 22.49 33.24 -13.78
C LEU A 119 21.03 33.64 -13.64
N GLU A 120 20.64 34.02 -12.42
CA GLU A 120 19.27 34.45 -12.15
C GLU A 120 18.88 35.68 -12.95
N ASN A 121 19.63 36.76 -12.75
CA ASN A 121 19.37 38.01 -13.45
C ASN A 121 19.51 37.91 -14.96
N LYS A 122 20.20 36.88 -15.42
CA LYS A 122 20.39 36.67 -16.85
C LYS A 122 19.10 36.05 -17.40
N TYR A 123 18.63 35.04 -16.70
CA TYR A 123 17.41 34.28 -17.00
C TYR A 123 16.14 35.13 -17.00
N ILE A 124 16.05 36.07 -16.08
CA ILE A 124 14.87 36.91 -15.99
C ILE A 124 15.07 38.20 -16.78
N ASP A 125 16.23 38.33 -17.42
CA ASP A 125 16.49 39.55 -18.15
C ASP A 125 15.58 39.77 -19.34
N ALA A 126 15.52 38.79 -20.24
CA ALA A 126 14.71 38.88 -21.44
C ALA A 126 13.33 39.48 -21.13
N TYR A 127 12.74 39.03 -20.03
CA TYR A 127 11.43 39.55 -19.62
C TYR A 127 11.54 40.98 -19.12
N HIS A 128 12.66 41.29 -18.49
CA HIS A 128 12.90 42.62 -17.97
C HIS A 128 12.80 43.56 -19.16
N VAL A 129 13.65 43.32 -20.16
CA VAL A 129 13.68 44.13 -21.37
C VAL A 129 12.29 44.21 -22.00
N ILE A 130 11.71 43.06 -22.28
CA ILE A 130 10.40 43.05 -22.87
C ILE A 130 9.41 43.91 -22.05
N PHE A 131 9.36 43.74 -20.73
CA PHE A 131 8.42 44.54 -19.96
C PHE A 131 8.83 46.01 -19.85
N LYS A 132 10.08 46.26 -19.48
CA LYS A 132 10.57 47.63 -19.36
C LYS A 132 10.25 48.39 -20.66
N GLU A 133 10.84 47.90 -21.76
CA GLU A 133 10.68 48.46 -23.10
C GLU A 133 9.23 48.61 -23.54
N GLY A 134 8.38 47.69 -23.10
CA GLY A 134 6.98 47.77 -23.46
C GLY A 134 6.32 48.85 -22.64
N ASN A 135 6.99 49.27 -21.56
CA ASN A 135 6.44 50.31 -20.71
C ASN A 135 6.68 51.63 -21.43
N LEU A 136 7.89 51.79 -21.93
CA LEU A 136 8.27 52.99 -22.66
C LEU A 136 7.44 53.07 -23.93
N ASN A 137 7.00 51.92 -24.44
CA ASN A 137 6.23 51.88 -25.65
C ASN A 137 4.71 51.77 -25.42
N GLY A 138 4.27 52.27 -24.27
CA GLY A 138 2.86 52.26 -23.94
C GLY A 138 2.03 51.01 -24.24
N GLU A 139 2.66 49.84 -24.26
CA GLU A 139 1.93 48.61 -24.52
C GLU A 139 1.15 48.16 -23.30
N TRP A 140 1.54 48.72 -22.15
CA TRP A 140 0.92 48.40 -20.87
C TRP A 140 1.58 49.29 -19.82
N SER A 141 1.22 49.11 -18.56
CA SER A 141 1.81 49.90 -17.49
C SER A 141 2.17 49.03 -16.29
N ILE A 142 3.41 48.56 -16.25
CA ILE A 142 3.88 47.69 -15.17
C ILE A 142 4.70 48.46 -14.13
N ASN A 143 4.12 48.62 -12.94
CA ASN A 143 4.78 49.31 -11.83
C ASN A 143 5.94 48.53 -11.24
N ASP A 144 5.72 47.25 -11.02
CA ASP A 144 6.69 46.33 -10.42
C ASP A 144 7.37 45.39 -11.42
N VAL A 145 7.96 45.98 -12.44
CA VAL A 145 8.61 45.20 -13.50
C VAL A 145 9.41 43.99 -13.04
N ASN A 146 10.22 44.16 -12.00
CA ASN A 146 11.05 43.06 -11.52
C ASN A 146 10.27 41.86 -10.99
N ALA A 147 9.18 42.13 -10.32
CA ALA A 147 8.34 41.08 -9.79
C ALA A 147 7.87 40.28 -11.01
N VAL A 148 7.07 40.97 -11.84
CA VAL A 148 6.49 40.41 -13.05
C VAL A 148 7.49 39.66 -13.92
N SER A 149 8.72 40.14 -14.02
CA SER A 149 9.67 39.41 -14.84
C SER A 149 9.94 38.08 -14.17
N LYS A 150 10.16 38.10 -12.85
CA LYS A 150 10.43 36.89 -12.09
C LYS A 150 9.27 35.87 -12.22
N ILE A 151 8.04 36.36 -12.03
CA ILE A 151 6.84 35.55 -12.14
C ILE A 151 6.90 34.86 -13.50
N ALA A 152 6.75 35.66 -14.56
CA ALA A 152 6.79 35.25 -15.98
C ALA A 152 7.87 34.20 -16.27
N ALA A 153 9.11 34.56 -15.97
CA ALA A 153 10.22 33.68 -16.17
C ALA A 153 9.95 32.29 -15.58
N ASN A 154 9.56 32.24 -14.31
CA ASN A 154 9.36 30.95 -13.65
C ASN A 154 8.14 30.20 -14.06
N ALA A 155 7.03 30.91 -14.21
CA ALA A 155 5.82 30.28 -14.68
C ALA A 155 6.13 29.59 -16.01
N VAL A 156 6.78 30.32 -16.92
CA VAL A 156 7.09 29.73 -18.21
C VAL A 156 8.00 28.56 -18.08
N ASN A 157 9.08 28.73 -17.34
CA ASN A 157 10.00 27.60 -17.18
C ASN A 157 9.19 26.39 -16.70
N GLY A 158 8.10 26.68 -16.00
CA GLY A 158 7.26 25.60 -15.51
C GLY A 158 6.50 24.96 -16.62
N ILE A 159 5.88 25.78 -17.44
CA ILE A 159 5.11 25.25 -18.56
C ILE A 159 6.03 24.46 -19.45
N VAL A 160 7.25 24.93 -19.63
CA VAL A 160 8.19 24.23 -20.47
C VAL A 160 8.60 22.89 -19.88
N THR A 161 8.90 22.89 -18.59
CA THR A 161 9.39 21.67 -17.93
C THR A 161 8.40 20.55 -17.63
N PHE A 162 7.29 20.88 -16.99
CA PHE A 162 6.32 19.87 -16.61
C PHE A 162 5.38 19.40 -17.69
N THR A 163 5.64 19.76 -18.94
CA THR A 163 4.83 19.28 -20.05
C THR A 163 5.72 18.52 -21.02
N HIS A 164 6.96 18.27 -20.63
CA HIS A 164 7.91 17.61 -21.51
C HIS A 164 7.58 16.16 -21.83
N GLU A 165 6.35 15.93 -22.27
CA GLU A 165 5.92 14.60 -22.63
C GLU A 165 4.79 14.61 -23.65
N GLN A 166 3.89 15.59 -23.56
CA GLN A 166 2.82 15.64 -24.54
C GLN A 166 3.36 16.20 -25.86
N ASN A 167 2.57 16.09 -26.93
CA ASN A 167 3.02 16.57 -28.23
C ASN A 167 3.30 18.06 -28.27
N ILE A 168 4.30 18.43 -29.06
CA ILE A 168 4.78 19.79 -29.18
C ILE A 168 3.78 20.86 -29.58
N ASN A 169 2.70 20.46 -30.25
CA ASN A 169 1.71 21.42 -30.70
C ASN A 169 0.75 21.75 -29.55
N GLU A 170 0.58 20.76 -28.69
CA GLU A 170 -0.26 20.90 -27.51
C GLU A 170 0.44 21.95 -26.66
N ARG A 171 1.75 21.74 -26.45
CA ARG A 171 2.63 22.62 -25.67
C ARG A 171 2.58 24.06 -26.14
N ILE A 172 2.71 24.24 -27.44
CA ILE A 172 2.67 25.54 -28.01
C ILE A 172 1.31 26.17 -27.80
N LYS A 173 0.22 25.43 -27.98
CA LYS A 173 -1.07 26.06 -27.75
C LYS A 173 -1.22 26.52 -26.28
N LEU A 174 -0.95 25.62 -25.35
CA LEU A 174 -1.00 25.96 -23.94
C LEU A 174 -0.13 27.20 -23.70
N MET A 175 1.13 27.11 -24.11
CA MET A 175 2.02 28.23 -23.92
C MET A 175 1.42 29.53 -24.46
N ASN A 176 0.75 29.42 -25.59
CA ASN A 176 0.16 30.60 -26.18
C ASN A 176 -1.04 31.09 -25.37
N LYS A 177 -1.84 30.17 -24.82
CA LYS A 177 -2.99 30.59 -24.04
C LYS A 177 -2.43 31.24 -22.76
N PHE A 178 -1.32 30.69 -22.26
CA PHE A 178 -0.71 31.27 -21.09
C PHE A 178 -0.37 32.70 -21.39
N SER A 179 0.47 32.92 -22.41
CA SER A 179 0.91 34.27 -22.79
C SER A 179 -0.24 35.21 -22.97
N GLN A 180 -1.29 34.70 -23.60
CA GLN A 180 -2.46 35.51 -23.83
C GLN A 180 -2.93 36.04 -22.47
N ILE A 181 -3.33 35.13 -21.58
CA ILE A 181 -3.80 35.49 -20.25
C ILE A 181 -2.87 36.40 -19.42
N PHE A 182 -1.59 36.09 -19.41
CA PHE A 182 -0.68 36.89 -18.61
C PHE A 182 -0.76 38.34 -19.02
N LEU A 183 -0.41 38.62 -20.27
CA LEU A 183 -0.46 39.99 -20.79
C LEU A 183 -1.83 40.65 -20.55
N ASN A 184 -2.90 39.90 -20.71
CA ASN A 184 -4.22 40.47 -20.52
C ASN A 184 -4.39 40.85 -19.06
N GLY A 185 -3.57 40.24 -18.21
CA GLY A 185 -3.65 40.53 -16.79
C GLY A 185 -2.88 41.77 -16.36
N LEU A 186 -1.88 42.14 -17.15
CA LEU A 186 -1.06 43.29 -16.83
C LEU A 186 -1.80 44.61 -16.93
N SER A 187 -2.89 44.62 -17.69
CA SER A 187 -3.69 45.82 -17.84
C SER A 187 -5.10 45.47 -18.31
N ASN B 2 -39.09 -28.48 -3.35
CA ASN B 2 -39.30 -26.99 -3.37
C ASN B 2 -38.50 -26.45 -4.56
N LEU B 3 -37.95 -25.24 -4.40
CA LEU B 3 -37.12 -24.61 -5.42
C LEU B 3 -36.32 -23.42 -4.86
N LYS B 4 -36.85 -22.75 -3.84
CA LYS B 4 -36.14 -21.64 -3.20
C LYS B 4 -35.25 -22.25 -2.13
N ASP B 5 -35.83 -23.21 -1.41
CA ASP B 5 -35.11 -23.90 -0.37
C ASP B 5 -34.19 -24.94 -1.02
N LYS B 6 -34.46 -25.21 -2.29
CA LYS B 6 -33.64 -26.12 -3.08
C LYS B 6 -32.27 -25.45 -3.26
N ILE B 7 -32.29 -24.11 -3.39
CA ILE B 7 -31.08 -23.30 -3.56
C ILE B 7 -30.27 -23.26 -2.25
N LEU B 8 -30.90 -22.87 -1.16
CA LEU B 8 -30.21 -22.82 0.12
C LEU B 8 -29.47 -24.12 0.38
N GLY B 9 -30.06 -25.23 -0.03
CA GLY B 9 -29.45 -26.51 0.19
C GLY B 9 -28.25 -26.83 -0.68
N VAL B 10 -28.43 -26.72 -1.99
CA VAL B 10 -27.34 -27.02 -2.90
C VAL B 10 -26.18 -26.09 -2.55
N ALA B 11 -26.52 -24.85 -2.19
CA ALA B 11 -25.52 -23.84 -1.86
C ALA B 11 -24.70 -24.21 -0.63
N LYS B 12 -25.40 -24.50 0.47
CA LYS B 12 -24.76 -24.85 1.72
C LYS B 12 -23.83 -26.01 1.49
N GLU B 13 -24.24 -26.93 0.61
CA GLU B 13 -23.43 -28.11 0.34
C GLU B 13 -22.13 -27.76 -0.40
N LEU B 14 -22.22 -26.78 -1.29
CA LEU B 14 -21.06 -26.36 -2.04
C LEU B 14 -20.13 -25.52 -1.14
N PHE B 15 -20.70 -24.58 -0.38
CA PHE B 15 -19.89 -23.78 0.51
C PHE B 15 -19.08 -24.64 1.46
N ILE B 16 -19.62 -25.80 1.79
CA ILE B 16 -18.92 -26.70 2.70
C ILE B 16 -17.87 -27.54 1.99
N LYS B 17 -18.07 -27.84 0.72
CA LYS B 17 -17.09 -28.67 0.06
C LYS B 17 -16.03 -27.88 -0.67
N ASN B 18 -16.38 -26.66 -1.09
CA ASN B 18 -15.44 -25.82 -1.84
C ASN B 18 -15.07 -24.52 -1.16
N GLY B 19 -15.81 -24.16 -0.12
CA GLY B 19 -15.52 -22.92 0.57
C GLY B 19 -16.24 -21.78 -0.10
N TYR B 20 -16.09 -20.57 0.41
CA TYR B 20 -16.82 -19.46 -0.18
C TYR B 20 -16.36 -18.93 -1.57
N ASN B 21 -15.28 -18.17 -1.62
CA ASN B 21 -14.84 -17.68 -2.90
C ASN B 21 -14.93 -18.63 -4.08
N ALA B 22 -14.70 -19.89 -3.78
CA ALA B 22 -14.70 -20.83 -4.84
C ALA B 22 -16.07 -21.27 -5.29
N THR B 23 -17.12 -20.77 -4.66
CA THR B 23 -18.45 -21.19 -5.09
C THR B 23 -19.15 -20.04 -5.77
N THR B 24 -19.47 -20.24 -7.04
CA THR B 24 -20.13 -19.20 -7.80
C THR B 24 -21.62 -19.41 -7.85
N THR B 25 -22.33 -18.29 -7.88
CA THR B 25 -23.78 -18.33 -7.93
C THR B 25 -24.21 -19.12 -9.17
N GLY B 26 -23.32 -19.21 -10.16
CA GLY B 26 -23.63 -19.94 -11.38
C GLY B 26 -23.65 -21.45 -11.25
N GLU B 27 -22.69 -21.98 -10.50
CA GLU B 27 -22.60 -23.42 -10.25
C GLU B 27 -23.71 -23.75 -9.25
N ILE B 28 -24.06 -22.75 -8.43
CA ILE B 28 -25.12 -22.88 -7.44
C ILE B 28 -26.40 -23.17 -8.18
N VAL B 29 -26.79 -22.19 -8.99
CA VAL B 29 -27.98 -22.24 -9.81
C VAL B 29 -28.11 -23.49 -10.67
N LYS B 30 -27.22 -23.69 -11.63
CA LYS B 30 -27.33 -24.86 -12.50
C LYS B 30 -27.23 -26.23 -11.86
N LEU B 31 -27.09 -26.29 -10.53
CA LEU B 31 -27.02 -27.59 -9.87
C LEU B 31 -28.32 -27.76 -9.11
N SER B 32 -28.96 -26.62 -8.83
CA SER B 32 -30.24 -26.62 -8.14
C SER B 32 -31.32 -26.31 -9.19
N GLU B 33 -31.02 -26.64 -10.44
CA GLU B 33 -31.90 -26.43 -11.60
C GLU B 33 -32.80 -25.20 -11.57
N SER B 34 -32.18 -24.04 -11.35
CA SER B 34 -32.90 -22.80 -11.30
C SER B 34 -32.29 -21.75 -12.23
N SER B 35 -32.36 -20.48 -11.84
CA SER B 35 -31.85 -19.40 -12.66
C SER B 35 -31.25 -18.27 -11.85
N LYS B 36 -30.24 -17.63 -12.43
CA LYS B 36 -29.55 -16.52 -11.82
C LYS B 36 -30.56 -15.48 -11.31
N GLY B 37 -31.51 -15.11 -12.16
CA GLY B 37 -32.50 -14.12 -11.77
C GLY B 37 -33.35 -14.61 -10.61
N ASN B 38 -33.64 -15.90 -10.61
CA ASN B 38 -34.43 -16.46 -9.53
C ASN B 38 -33.67 -16.25 -8.22
N LEU B 39 -32.44 -16.74 -8.20
CA LEU B 39 -31.55 -16.63 -7.05
C LEU B 39 -31.48 -15.17 -6.56
N TYR B 40 -31.44 -14.22 -7.50
CA TYR B 40 -31.36 -12.80 -7.14
C TYR B 40 -32.68 -12.28 -6.55
N TYR B 41 -33.78 -12.93 -6.91
CA TYR B 41 -35.07 -12.53 -6.38
C TYR B 41 -35.19 -12.94 -4.90
N HIS B 42 -34.92 -14.21 -4.62
CA HIS B 42 -35.03 -14.73 -3.26
C HIS B 42 -33.97 -14.16 -2.34
N PHE B 43 -32.74 -14.15 -2.82
CA PHE B 43 -31.62 -13.62 -2.05
C PHE B 43 -31.05 -12.56 -2.98
N LYS B 44 -30.66 -11.41 -2.43
CA LYS B 44 -30.13 -10.34 -3.26
C LYS B 44 -28.81 -10.71 -3.95
N THR B 45 -27.75 -10.71 -3.16
CA THR B 45 -26.39 -11.00 -3.60
C THR B 45 -25.91 -12.34 -3.07
N LYS B 46 -24.96 -12.99 -3.75
CA LYS B 46 -24.44 -14.27 -3.27
C LYS B 46 -24.04 -14.11 -1.81
N GLU B 47 -23.41 -13.00 -1.48
CA GLU B 47 -22.98 -12.73 -0.11
C GLU B 47 -24.15 -12.73 0.86
N ASN B 48 -25.35 -12.46 0.36
CA ASN B 48 -26.52 -12.45 1.22
C ASN B 48 -27.00 -13.89 1.38
N LEU B 49 -27.06 -14.62 0.26
CA LEU B 49 -27.49 -16.03 0.26
C LEU B 49 -26.71 -16.78 1.31
N PHE B 50 -25.41 -16.52 1.33
CA PHE B 50 -24.53 -17.15 2.28
C PHE B 50 -24.77 -16.60 3.70
N LEU B 51 -25.02 -15.30 3.82
CA LEU B 51 -25.27 -14.75 5.15
C LEU B 51 -26.50 -15.42 5.76
N GLU B 52 -27.47 -15.69 4.92
CA GLU B 52 -28.68 -16.35 5.38
C GLU B 52 -28.35 -17.77 5.79
N ILE B 53 -27.80 -18.55 4.85
CA ILE B 53 -27.44 -19.93 5.14
C ILE B 53 -26.84 -19.95 6.53
N LEU B 54 -26.00 -18.97 6.79
CA LEU B 54 -25.31 -18.84 8.07
C LEU B 54 -26.23 -18.67 9.26
N ASN B 55 -27.29 -17.91 9.11
CA ASN B 55 -28.19 -17.73 10.24
C ASN B 55 -28.98 -18.99 10.50
N ILE B 56 -29.17 -19.77 9.44
CA ILE B 56 -29.88 -21.02 9.57
C ILE B 56 -29.04 -22.02 10.35
N GLU B 57 -27.86 -22.36 9.84
CA GLU B 57 -27.02 -23.33 10.53
C GLU B 57 -26.83 -22.81 11.94
N GLU B 58 -26.65 -21.50 12.07
CA GLU B 58 -26.43 -20.90 13.39
C GLU B 58 -27.57 -21.18 14.33
N SER B 59 -28.77 -21.12 13.80
CA SER B 59 -29.95 -21.34 14.61
C SER B 59 -30.15 -22.82 14.96
N LYS B 60 -30.19 -23.67 13.94
CA LYS B 60 -30.37 -25.10 14.16
C LYS B 60 -29.31 -25.73 15.07
N TRP B 61 -28.28 -24.97 15.39
CA TRP B 61 -27.25 -25.48 16.27
C TRP B 61 -27.57 -25.03 17.69
N GLN B 62 -28.10 -23.81 17.81
CA GLN B 62 -28.45 -23.30 19.12
C GLN B 62 -29.67 -24.04 19.65
N GLU B 63 -30.50 -24.52 18.72
CA GLU B 63 -31.71 -25.28 19.05
C GLU B 63 -31.23 -26.60 19.64
N GLN B 64 -30.59 -27.37 18.77
CA GLN B 64 -30.05 -28.67 19.11
C GLN B 64 -29.33 -28.72 20.44
N TRP B 65 -28.74 -27.60 20.87
CA TRP B 65 -28.02 -27.56 22.13
C TRP B 65 -28.94 -27.26 23.31
N LYS B 66 -29.97 -26.44 23.07
CA LYS B 66 -30.91 -26.13 24.13
C LYS B 66 -31.60 -27.48 24.49
N LYS B 67 -31.99 -28.21 23.46
CA LYS B 67 -32.64 -29.51 23.64
C LYS B 67 -31.69 -30.55 24.23
N GLU B 68 -30.43 -30.56 23.81
CA GLU B 68 -29.49 -31.54 24.32
C GLU B 68 -28.68 -31.15 25.56
N GLN B 69 -28.88 -29.96 26.10
CA GLN B 69 -28.07 -29.56 27.25
C GLN B 69 -28.59 -30.06 28.60
N ILE B 70 -29.83 -30.52 28.61
CA ILE B 70 -30.46 -31.02 29.82
C ILE B 70 -29.70 -32.18 30.45
N LYS B 71 -29.25 -33.12 29.63
CA LYS B 71 -28.48 -34.28 30.11
C LYS B 71 -27.16 -33.90 30.81
N ALA B 72 -27.08 -32.66 31.28
CA ALA B 72 -25.91 -32.18 31.99
C ALA B 72 -26.42 -31.31 33.11
N LYS B 73 -26.26 -31.81 34.33
CA LYS B 73 -26.74 -31.10 35.52
C LYS B 73 -25.91 -29.86 35.81
N THR B 74 -24.65 -30.07 36.16
CA THR B 74 -23.75 -28.97 36.46
C THR B 74 -23.19 -28.29 35.20
N ASN B 75 -22.84 -27.01 35.31
CA ASN B 75 -22.29 -26.29 34.17
C ASN B 75 -20.97 -26.91 33.72
N ARG B 76 -20.22 -27.45 34.67
CA ARG B 76 -18.98 -28.11 34.33
C ARG B 76 -19.24 -29.21 33.28
N GLU B 77 -20.44 -29.81 33.34
CA GLU B 77 -20.79 -30.87 32.41
C GLU B 77 -21.23 -30.28 31.09
N LYS B 78 -21.91 -29.14 31.17
CA LYS B 78 -22.38 -28.44 29.99
C LYS B 78 -21.13 -28.09 29.14
N PHE B 79 -20.07 -27.66 29.81
CA PHE B 79 -18.84 -27.31 29.11
C PHE B 79 -18.29 -28.55 28.37
N TYR B 80 -17.97 -29.61 29.11
CA TYR B 80 -17.48 -30.85 28.53
C TYR B 80 -18.40 -31.30 27.38
N LEU B 81 -19.70 -31.30 27.64
CA LEU B 81 -20.67 -31.74 26.66
C LEU B 81 -20.75 -30.86 25.42
N TYR B 82 -20.85 -29.54 25.62
CA TYR B 82 -20.92 -28.62 24.50
C TYR B 82 -19.80 -28.89 23.50
N ASN B 83 -18.57 -28.97 24.03
CA ASN B 83 -17.40 -29.22 23.20
C ASN B 83 -17.46 -30.53 22.49
N GLU B 84 -17.99 -31.55 23.16
CA GLU B 84 -18.10 -32.89 22.56
C GLU B 84 -19.06 -32.86 21.40
N LEU B 85 -20.22 -32.26 21.62
CA LEU B 85 -21.23 -32.20 20.58
C LEU B 85 -20.75 -31.48 19.34
N SER B 86 -19.89 -30.49 19.55
CA SER B 86 -19.35 -29.70 18.46
C SER B 86 -18.72 -30.51 17.36
N LEU B 87 -18.07 -31.59 17.74
CA LEU B 87 -17.40 -32.42 16.76
C LEU B 87 -18.35 -33.28 15.95
N THR B 88 -19.54 -33.53 16.48
CA THR B 88 -20.45 -34.41 15.78
C THR B 88 -21.68 -33.78 15.20
N THR B 89 -22.00 -32.55 15.59
CA THR B 89 -23.18 -31.89 15.04
C THR B 89 -23.05 -31.73 13.51
N GLU B 90 -24.18 -31.59 12.84
CA GLU B 90 -24.14 -31.45 11.40
C GLU B 90 -24.26 -29.97 11.03
N TYR B 91 -24.50 -29.15 12.04
CA TYR B 91 -24.69 -27.72 11.85
C TYR B 91 -23.53 -26.78 12.18
N TYR B 92 -23.38 -25.73 11.38
CA TYR B 92 -22.39 -24.70 11.65
C TYR B 92 -20.89 -24.98 11.50
N TYR B 93 -20.26 -25.55 12.51
CA TYR B 93 -18.83 -25.84 12.44
C TYR B 93 -18.38 -26.37 11.07
N PRO B 94 -19.28 -26.99 10.29
CA PRO B 94 -18.83 -27.49 8.99
C PRO B 94 -18.69 -26.40 7.96
N LEU B 95 -19.21 -25.22 8.23
CA LEU B 95 -19.11 -24.16 7.27
C LEU B 95 -17.92 -23.27 7.60
N GLN B 96 -17.31 -23.54 8.74
CA GLN B 96 -16.17 -22.77 9.27
C GLN B 96 -15.16 -22.27 8.25
N ASN B 97 -14.71 -23.14 7.36
CA ASN B 97 -13.74 -22.74 6.37
C ASN B 97 -14.29 -21.58 5.54
N ALA B 98 -15.50 -21.73 5.02
CA ALA B 98 -16.15 -20.68 4.25
C ALA B 98 -16.39 -19.44 5.13
N ILE B 99 -16.79 -19.60 6.39
CA ILE B 99 -16.99 -18.41 7.23
C ILE B 99 -15.71 -17.62 7.29
N ILE B 100 -14.57 -18.28 7.21
CA ILE B 100 -13.29 -17.57 7.24
C ILE B 100 -13.19 -16.75 5.94
N GLU B 101 -13.04 -17.46 4.81
CA GLU B 101 -12.95 -16.82 3.52
C GLU B 101 -13.87 -15.63 3.38
N PHE B 102 -15.13 -15.83 3.73
CA PHE B 102 -16.14 -14.81 3.59
C PHE B 102 -15.95 -13.63 4.53
N TYR B 103 -15.39 -13.86 5.70
CA TYR B 103 -15.19 -12.76 6.64
C TYR B 103 -13.98 -11.93 6.26
N THR B 104 -12.93 -12.57 5.74
CA THR B 104 -11.75 -11.81 5.36
C THR B 104 -12.03 -11.02 4.11
N GLU B 105 -13.22 -11.23 3.55
CA GLU B 105 -13.58 -10.55 2.33
C GLU B 105 -14.69 -9.52 2.50
N TYR B 106 -15.09 -9.23 3.73
CA TYR B 106 -16.15 -8.26 3.96
C TYR B 106 -16.07 -7.60 5.33
N TYR B 107 -14.94 -7.73 6.02
CA TYR B 107 -14.83 -7.09 7.34
C TYR B 107 -14.64 -5.61 7.05
N LYS B 108 -14.27 -5.33 5.80
CA LYS B 108 -14.05 -3.98 5.31
C LYS B 108 -15.35 -3.18 5.35
N THR B 109 -16.28 -3.57 4.51
CA THR B 109 -17.58 -2.89 4.42
C THR B 109 -18.34 -2.98 5.74
N ASN B 110 -18.39 -1.87 6.48
CA ASN B 110 -19.08 -1.85 7.77
C ASN B 110 -20.44 -2.52 7.77
N SER B 111 -21.10 -2.53 6.62
CA SER B 111 -22.42 -3.14 6.49
C SER B 111 -22.44 -4.59 6.96
N ILE B 112 -21.87 -5.48 6.15
CA ILE B 112 -21.81 -6.90 6.45
C ILE B 112 -21.16 -7.23 7.81
N ASN B 113 -20.26 -6.37 8.28
CA ASN B 113 -19.56 -6.61 9.55
C ASN B 113 -20.45 -6.62 10.79
N GLU B 114 -21.57 -5.90 10.74
CA GLU B 114 -22.49 -5.84 11.88
C GLU B 114 -23.22 -7.18 11.99
N LYS B 115 -23.59 -7.73 10.85
CA LYS B 115 -24.28 -9.02 10.81
C LYS B 115 -23.36 -10.15 11.27
N MET B 116 -22.06 -10.00 11.01
CA MET B 116 -21.09 -11.02 11.43
C MET B 116 -20.88 -10.96 12.94
N ASN B 117 -20.57 -9.77 13.45
CA ASN B 117 -20.36 -9.61 14.89
C ASN B 117 -21.66 -9.92 15.59
N LYS B 118 -22.75 -9.90 14.84
CA LYS B 118 -24.06 -10.19 15.40
C LYS B 118 -24.00 -11.68 15.72
N LEU B 119 -23.89 -12.48 14.66
CA LEU B 119 -23.81 -13.93 14.76
C LEU B 119 -22.67 -14.39 15.69
N GLU B 120 -21.50 -13.78 15.56
CA GLU B 120 -20.36 -14.16 16.40
C GLU B 120 -20.74 -14.17 17.87
N ASN B 121 -21.33 -13.09 18.34
CA ASN B 121 -21.70 -13.01 19.75
C ASN B 121 -22.75 -14.05 20.14
N LYS B 122 -23.42 -14.61 19.15
CA LYS B 122 -24.44 -15.64 19.38
C LYS B 122 -23.78 -17.02 19.57
N TYR B 123 -22.71 -17.26 18.83
CA TYR B 123 -21.98 -18.52 18.88
C TYR B 123 -21.04 -18.58 20.10
N ILE B 124 -20.76 -17.43 20.70
CA ILE B 124 -19.90 -17.38 21.88
C ILE B 124 -20.86 -17.28 23.07
N ASP B 125 -22.08 -16.85 22.74
CA ASP B 125 -23.18 -16.68 23.68
C ASP B 125 -23.28 -17.78 24.75
N ALA B 126 -23.40 -19.02 24.25
CA ALA B 126 -23.51 -20.24 25.04
C ALA B 126 -22.40 -20.34 26.08
N TYR B 127 -21.15 -20.27 25.66
CA TYR B 127 -20.07 -20.34 26.62
C TYR B 127 -20.27 -19.30 27.70
N HIS B 128 -20.69 -18.10 27.32
CA HIS B 128 -20.93 -17.04 28.30
C HIS B 128 -21.91 -17.54 29.36
N VAL B 129 -23.01 -18.13 28.89
CA VAL B 129 -24.05 -18.69 29.77
C VAL B 129 -23.40 -19.74 30.70
N ILE B 130 -22.76 -20.75 30.13
CA ILE B 130 -22.10 -21.78 30.91
C ILE B 130 -21.19 -21.23 32.00
N PHE B 131 -20.32 -20.28 31.67
CA PHE B 131 -19.41 -19.74 32.69
C PHE B 131 -20.11 -18.88 33.73
N LYS B 132 -21.03 -18.03 33.27
CA LYS B 132 -21.79 -17.15 34.17
C LYS B 132 -22.49 -17.98 35.27
N GLU B 133 -23.45 -18.81 34.83
CA GLU B 133 -24.22 -19.69 35.70
C GLU B 133 -23.30 -20.53 36.55
N GLY B 134 -22.09 -20.74 36.08
CA GLY B 134 -21.14 -21.52 36.83
C GLY B 134 -20.71 -20.77 38.06
N ASN B 135 -20.52 -19.46 37.90
CA ASN B 135 -20.12 -18.59 39.00
C ASN B 135 -21.25 -18.50 39.99
N LEU B 136 -22.48 -18.43 39.47
CA LEU B 136 -23.65 -18.35 40.32
C LEU B 136 -23.80 -19.67 41.08
N ASN B 137 -23.51 -20.78 40.41
CA ASN B 137 -23.62 -22.09 41.05
C ASN B 137 -22.35 -22.43 41.80
N GLY B 138 -21.52 -21.42 42.05
CA GLY B 138 -20.27 -21.64 42.77
C GLY B 138 -19.32 -22.67 42.20
N GLU B 139 -19.44 -22.94 40.89
CA GLU B 139 -18.61 -23.95 40.21
C GLU B 139 -17.16 -23.53 39.92
N TRP B 140 -16.93 -22.23 39.74
CA TRP B 140 -15.60 -21.65 39.50
C TRP B 140 -15.76 -20.16 39.75
N SER B 141 -14.65 -19.43 39.80
CA SER B 141 -14.70 -17.98 40.02
C SER B 141 -13.99 -17.32 38.85
N ILE B 142 -14.73 -16.68 37.97
CA ILE B 142 -14.13 -16.02 36.81
C ILE B 142 -14.49 -14.55 36.65
N ASN B 143 -13.46 -13.71 36.71
CA ASN B 143 -13.61 -12.25 36.58
C ASN B 143 -14.19 -11.85 35.24
N ASP B 144 -13.38 -11.97 34.17
CA ASP B 144 -13.87 -11.62 32.84
C ASP B 144 -14.35 -12.89 32.17
N VAL B 145 -15.66 -13.04 32.16
CA VAL B 145 -16.30 -14.18 31.54
C VAL B 145 -16.05 -14.05 30.05
N ASN B 146 -16.41 -12.90 29.48
CA ASN B 146 -16.23 -12.62 28.06
C ASN B 146 -14.87 -13.10 27.53
N ALA B 147 -13.79 -12.73 28.23
CA ALA B 147 -12.47 -13.16 27.80
C ALA B 147 -12.46 -14.68 27.67
N VAL B 148 -12.77 -15.38 28.77
CA VAL B 148 -12.79 -16.83 28.76
C VAL B 148 -13.75 -17.38 27.71
N SER B 149 -14.93 -16.80 27.62
CA SER B 149 -15.85 -17.27 26.61
C SER B 149 -15.19 -17.24 25.24
N LYS B 150 -14.56 -16.12 24.87
CA LYS B 150 -13.91 -16.04 23.57
C LYS B 150 -12.75 -17.00 23.47
N ILE B 151 -11.92 -17.08 24.50
CA ILE B 151 -10.79 -18.00 24.50
C ILE B 151 -11.30 -19.41 24.23
N ALA B 152 -12.39 -19.73 24.93
CA ALA B 152 -13.09 -21.02 24.86
C ALA B 152 -13.64 -21.34 23.50
N ALA B 153 -14.56 -20.50 23.05
CA ALA B 153 -15.18 -20.67 21.76
C ALA B 153 -14.15 -20.80 20.64
N ASN B 154 -13.10 -19.98 20.70
CA ASN B 154 -12.09 -19.99 19.66
C ASN B 154 -11.17 -21.17 19.73
N ALA B 155 -10.83 -21.55 20.95
CA ALA B 155 -9.94 -22.68 21.16
C ALA B 155 -10.64 -23.94 20.68
N VAL B 156 -11.85 -24.15 21.16
CA VAL B 156 -12.58 -25.34 20.79
C VAL B 156 -12.72 -25.39 19.28
N ASN B 157 -13.18 -24.28 18.72
CA ASN B 157 -13.40 -24.15 17.29
C ASN B 157 -12.14 -24.51 16.50
N GLY B 158 -10.98 -24.23 17.10
CA GLY B 158 -9.75 -24.58 16.42
C GLY B 158 -9.59 -26.10 16.40
N ILE B 159 -9.93 -26.76 17.50
CA ILE B 159 -9.81 -28.21 17.60
C ILE B 159 -10.79 -28.86 16.65
N VAL B 160 -12.03 -28.36 16.67
CA VAL B 160 -13.05 -28.90 15.78
C VAL B 160 -12.65 -28.76 14.33
N THR B 161 -12.34 -27.54 13.91
CA THR B 161 -12.00 -27.31 12.52
C THR B 161 -10.59 -27.71 12.05
N PHE B 162 -9.64 -27.89 12.96
CA PHE B 162 -8.29 -28.26 12.50
C PHE B 162 -7.86 -29.73 12.72
N THR B 163 -8.81 -30.62 13.04
CA THR B 163 -8.49 -32.05 13.22
C THR B 163 -9.56 -32.94 12.54
N HIS B 164 -10.25 -32.38 11.55
CA HIS B 164 -11.31 -33.05 10.78
C HIS B 164 -10.77 -34.28 10.03
N GLU B 165 -9.51 -34.62 10.27
CA GLU B 165 -8.84 -35.74 9.57
C GLU B 165 -8.82 -37.13 10.22
N GLN B 166 -8.72 -37.18 11.54
CA GLN B 166 -8.63 -38.47 12.19
C GLN B 166 -9.94 -39.07 12.69
N ASN B 167 -9.78 -40.21 13.35
CA ASN B 167 -10.85 -40.98 13.97
C ASN B 167 -11.68 -40.07 14.89
N ILE B 168 -12.96 -39.92 14.57
CA ILE B 168 -13.84 -39.08 15.35
C ILE B 168 -13.86 -39.45 16.82
N ASN B 169 -13.29 -40.59 17.15
CA ASN B 169 -13.25 -40.98 18.54
C ASN B 169 -12.03 -40.32 19.14
N GLU B 170 -10.92 -40.30 18.41
CA GLU B 170 -9.72 -39.64 18.93
C GLU B 170 -10.11 -38.19 19.07
N ARG B 171 -10.79 -37.68 18.05
CA ARG B 171 -11.23 -36.31 18.09
C ARG B 171 -11.97 -36.06 19.39
N ILE B 172 -12.97 -36.89 19.71
CA ILE B 172 -13.70 -36.66 20.96
C ILE B 172 -12.85 -36.86 22.19
N LYS B 173 -11.83 -37.71 22.08
CA LYS B 173 -10.95 -37.99 23.20
C LYS B 173 -10.09 -36.75 23.50
N LEU B 174 -9.43 -36.20 22.47
CA LEU B 174 -8.61 -35.01 22.65
C LEU B 174 -9.50 -33.87 23.12
N MET B 175 -10.68 -33.74 22.51
CA MET B 175 -11.58 -32.68 22.90
C MET B 175 -11.90 -32.74 24.37
N ASN B 176 -11.83 -33.93 24.95
CA ASN B 176 -12.17 -34.06 26.36
C ASN B 176 -10.98 -33.83 27.25
N LYS B 177 -9.79 -34.10 26.73
CA LYS B 177 -8.59 -33.88 27.53
C LYS B 177 -8.49 -32.37 27.65
N PHE B 178 -8.88 -31.70 26.57
CA PHE B 178 -8.82 -30.25 26.53
C PHE B 178 -9.79 -29.64 27.51
N SER B 179 -11.07 -30.00 27.39
CA SER B 179 -12.06 -29.43 28.27
C SER B 179 -11.63 -29.59 29.72
N GLN B 180 -10.99 -30.72 30.01
CA GLN B 180 -10.53 -30.99 31.36
C GLN B 180 -9.47 -29.98 31.75
N ILE B 181 -8.37 -29.94 30.99
CA ILE B 181 -7.27 -29.01 31.21
C ILE B 181 -7.84 -27.63 31.39
N PHE B 182 -8.65 -27.24 30.43
CA PHE B 182 -9.24 -25.93 30.50
C PHE B 182 -9.95 -25.68 31.81
N LEU B 183 -10.95 -26.50 32.14
CA LEU B 183 -11.68 -26.29 33.38
C LEU B 183 -10.77 -26.38 34.58
N ASN B 184 -9.77 -27.24 34.52
CA ASN B 184 -8.89 -27.34 35.67
C ASN B 184 -8.26 -25.98 35.81
N GLY B 185 -7.81 -25.44 34.68
CA GLY B 185 -7.18 -24.13 34.68
C GLY B 185 -7.97 -22.96 35.26
N LEU B 186 -9.28 -23.03 35.33
CA LEU B 186 -10.02 -21.91 35.89
C LEU B 186 -10.05 -21.76 37.40
N SER B 187 -10.03 -22.89 38.12
CA SER B 187 -10.06 -22.91 39.59
C SER B 187 -10.95 -21.86 40.32
N ASN C 2 -3.36 -4.80 5.46
CA ASN C 2 -2.49 -4.11 6.45
C ASN C 2 -1.03 -4.37 6.19
N LEU C 3 -0.63 -5.62 6.05
CA LEU C 3 0.78 -5.85 5.74
C LEU C 3 1.21 -5.01 4.50
N LYS C 4 0.32 -4.86 3.54
CA LYS C 4 0.65 -4.05 2.37
C LYS C 4 0.74 -2.60 2.82
N ASP C 5 -0.17 -2.16 3.69
CA ASP C 5 -0.13 -0.79 4.20
C ASP C 5 1.08 -0.57 5.06
N LYS C 6 1.57 -1.66 5.68
CA LYS C 6 2.75 -1.57 6.53
C LYS C 6 3.97 -1.31 5.65
N ILE C 7 4.06 -2.01 4.52
CA ILE C 7 5.15 -1.80 3.59
C ILE C 7 5.11 -0.37 3.07
N LEU C 8 3.92 0.09 2.67
CA LEU C 8 3.82 1.44 2.14
C LEU C 8 4.31 2.44 3.21
N GLY C 9 3.91 2.20 4.46
CA GLY C 9 4.34 3.06 5.53
C GLY C 9 5.84 3.01 5.78
N VAL C 10 6.42 1.82 5.81
CA VAL C 10 7.85 1.71 6.06
C VAL C 10 8.61 2.30 4.88
N ALA C 11 8.22 1.90 3.68
CA ALA C 11 8.88 2.39 2.49
C ALA C 11 8.88 3.90 2.50
N LYS C 12 7.76 4.50 2.86
CA LYS C 12 7.69 5.95 2.88
C LYS C 12 8.76 6.58 3.78
N GLU C 13 8.88 6.10 5.00
CA GLU C 13 9.87 6.65 5.92
C GLU C 13 11.28 6.34 5.41
N LEU C 14 11.48 5.14 4.85
CA LEU C 14 12.79 4.84 4.29
C LEU C 14 13.11 5.86 3.21
N PHE C 15 12.16 6.11 2.31
CA PHE C 15 12.38 7.08 1.24
C PHE C 15 12.70 8.46 1.80
N ILE C 16 11.90 8.93 2.75
CA ILE C 16 12.18 10.22 3.34
C ILE C 16 13.60 10.32 3.93
N LYS C 17 14.05 9.33 4.69
CA LYS C 17 15.36 9.38 5.31
C LYS C 17 16.55 9.13 4.42
N ASN C 18 16.41 8.30 3.40
CA ASN C 18 17.57 8.02 2.57
C ASN C 18 17.39 8.27 1.09
N GLY C 19 16.28 8.88 0.72
CA GLY C 19 16.05 9.15 -0.69
C GLY C 19 15.64 7.92 -1.47
N TYR C 20 15.28 8.13 -2.73
CA TYR C 20 14.84 7.02 -3.59
C TYR C 20 15.88 5.98 -4.05
N ASN C 21 17.03 6.40 -4.56
CA ASN C 21 18.04 5.45 -5.02
C ASN C 21 18.68 4.66 -3.91
N ALA C 22 18.82 5.29 -2.75
CA ALA C 22 19.48 4.64 -1.63
C ALA C 22 18.70 3.48 -1.03
N THR C 23 17.42 3.71 -0.80
CA THR C 23 16.49 2.73 -0.25
C THR C 23 16.44 1.43 -1.07
N THR C 24 16.66 0.30 -0.42
CA THR C 24 16.66 -0.99 -1.10
C THR C 24 15.43 -1.77 -0.69
N THR C 25 14.88 -2.59 -1.59
CA THR C 25 13.70 -3.36 -1.23
C THR C 25 14.05 -4.35 -0.13
N GLY C 26 15.35 -4.63 0.03
CA GLY C 26 15.81 -5.54 1.07
C GLY C 26 15.40 -4.97 2.41
N GLU C 27 15.77 -3.71 2.65
CA GLU C 27 15.44 -2.98 3.88
C GLU C 27 13.95 -2.91 4.06
N ILE C 28 13.25 -2.55 2.98
CA ILE C 28 11.79 -2.43 3.05
C ILE C 28 11.20 -3.75 3.48
N VAL C 29 11.67 -4.83 2.89
CA VAL C 29 11.17 -6.15 3.27
C VAL C 29 11.40 -6.43 4.75
N LYS C 30 12.60 -6.18 5.25
CA LYS C 30 12.85 -6.45 6.67
C LYS C 30 12.15 -5.51 7.66
N LEU C 31 12.28 -4.20 7.49
CA LEU C 31 11.63 -3.32 8.45
C LEU C 31 10.13 -3.47 8.52
N SER C 32 9.51 -4.02 7.49
CA SER C 32 8.05 -4.20 7.54
C SER C 32 7.68 -5.64 7.89
N GLU C 33 8.71 -6.48 8.04
CA GLU C 33 8.54 -7.87 8.42
C GLU C 33 7.69 -8.61 7.42
N SER C 34 8.07 -8.42 6.16
CA SER C 34 7.38 -9.02 5.04
C SER C 34 8.33 -9.91 4.21
N SER C 35 8.30 -9.81 2.89
CA SER C 35 9.15 -10.67 2.05
C SER C 35 9.22 -10.19 0.61
N LYS C 36 10.28 -10.60 -0.10
CA LYS C 36 10.46 -10.24 -1.49
C LYS C 36 9.18 -10.69 -2.21
N GLY C 37 8.74 -11.91 -1.91
CA GLY C 37 7.56 -12.42 -2.54
C GLY C 37 6.36 -11.52 -2.37
N ASN C 38 6.11 -11.07 -1.14
CA ASN C 38 4.97 -10.23 -0.92
C ASN C 38 5.11 -8.87 -1.56
N LEU C 39 6.34 -8.35 -1.52
CA LEU C 39 6.59 -7.05 -2.07
C LEU C 39 6.34 -7.08 -3.56
N TYR C 40 6.74 -8.19 -4.18
CA TYR C 40 6.58 -8.39 -5.62
C TYR C 40 5.13 -8.50 -6.03
N TYR C 41 4.35 -9.16 -5.20
CA TYR C 41 2.93 -9.35 -5.46
C TYR C 41 2.08 -8.06 -5.41
N HIS C 42 2.39 -7.15 -4.50
CA HIS C 42 1.58 -5.95 -4.40
C HIS C 42 1.97 -4.87 -5.36
N PHE C 43 3.26 -4.68 -5.48
CA PHE C 43 3.82 -3.66 -6.34
C PHE C 43 4.69 -4.62 -7.09
N LYS C 44 5.34 -4.23 -8.17
CA LYS C 44 6.14 -5.26 -8.81
C LYS C 44 7.57 -4.84 -8.67
N THR C 45 7.78 -3.54 -8.53
CA THR C 45 9.11 -3.01 -8.49
C THR C 45 9.20 -1.84 -7.56
N LYS C 46 10.43 -1.39 -7.31
CA LYS C 46 10.65 -0.25 -6.45
C LYS C 46 9.94 0.92 -7.06
N GLU C 47 10.07 1.08 -8.39
CA GLU C 47 9.42 2.20 -9.13
C GLU C 47 7.94 2.18 -8.91
N ASN C 48 7.42 0.99 -9.06
CA ASN C 48 6.03 0.78 -8.91
C ASN C 48 5.56 1.05 -7.47
N LEU C 49 6.34 0.63 -6.50
CA LEU C 49 6.01 0.86 -5.10
C LEU C 49 5.97 2.37 -4.80
N PHE C 50 7.01 3.08 -5.23
CA PHE C 50 7.12 4.51 -5.00
C PHE C 50 6.00 5.31 -5.65
N LEU C 51 5.56 4.88 -6.82
CA LEU C 51 4.48 5.56 -7.53
C LEU C 51 3.20 5.38 -6.75
N GLU C 52 3.11 4.22 -6.11
CA GLU C 52 1.98 3.89 -5.28
C GLU C 52 1.97 4.82 -4.07
N ILE C 53 3.15 5.03 -3.45
CA ILE C 53 3.24 5.94 -2.32
C ILE C 53 2.68 7.27 -2.82
N LEU C 54 3.25 7.76 -3.92
CA LEU C 54 2.85 9.02 -4.49
C LEU C 54 1.33 9.15 -4.62
N ASN C 55 0.67 8.11 -5.10
CA ASN C 55 -0.79 8.18 -5.20
C ASN C 55 -1.43 8.38 -3.84
N ILE C 56 -1.01 7.60 -2.86
CA ILE C 56 -1.56 7.75 -1.51
C ILE C 56 -1.34 9.19 -1.02
N GLU C 57 -0.15 9.72 -1.21
CA GLU C 57 0.15 11.10 -0.81
C GLU C 57 -0.78 12.12 -1.49
N GLU C 58 -1.06 11.89 -2.75
CA GLU C 58 -1.90 12.77 -3.51
C GLU C 58 -3.28 12.76 -2.88
N SER C 59 -3.76 11.58 -2.54
CA SER C 59 -5.08 11.47 -1.90
C SER C 59 -5.14 12.23 -0.59
N LYS C 60 -4.14 12.06 0.28
CA LYS C 60 -4.16 12.79 1.55
C LYS C 60 -4.20 14.28 1.25
N TRP C 61 -3.43 14.72 0.25
CA TRP C 61 -3.42 16.11 -0.13
C TRP C 61 -4.78 16.58 -0.58
N GLN C 62 -5.47 15.81 -1.41
CA GLN C 62 -6.80 16.24 -1.83
C GLN C 62 -7.67 16.31 -0.59
N GLU C 63 -7.67 15.24 0.19
CA GLU C 63 -8.45 15.21 1.41
C GLU C 63 -8.17 16.48 2.21
N GLN C 64 -6.90 16.78 2.46
CA GLN C 64 -6.55 18.00 3.18
C GLN C 64 -7.25 19.19 2.55
N TRP C 65 -7.02 19.41 1.25
CA TRP C 65 -7.60 20.54 0.51
C TRP C 65 -9.12 20.58 0.65
N LYS C 66 -9.75 19.43 0.59
CA LYS C 66 -11.20 19.34 0.70
C LYS C 66 -11.63 20.10 1.93
N LYS C 67 -10.87 19.98 3.01
CA LYS C 67 -11.21 20.67 4.25
C LYS C 67 -10.79 22.11 4.21
N GLU C 68 -9.53 22.34 3.92
CA GLU C 68 -8.98 23.68 3.87
C GLU C 68 -9.72 24.72 3.04
N GLN C 69 -10.31 24.30 1.92
CA GLN C 69 -11.00 25.24 1.04
C GLN C 69 -12.27 25.83 1.60
N ILE C 70 -12.88 25.13 2.53
CA ILE C 70 -14.09 25.60 3.18
C ILE C 70 -13.82 27.04 3.68
N LYS C 71 -12.55 27.32 3.95
CA LYS C 71 -12.15 28.63 4.42
C LYS C 71 -12.38 29.68 3.34
N ALA C 72 -12.07 29.34 2.09
CA ALA C 72 -12.24 30.27 0.97
C ALA C 72 -13.68 30.25 0.42
N LYS C 73 -14.42 31.34 0.63
CA LYS C 73 -15.82 31.42 0.21
C LYS C 73 -16.03 31.40 -1.29
N THR C 74 -15.36 32.29 -2.00
CA THR C 74 -15.47 32.39 -3.46
C THR C 74 -14.32 31.67 -4.16
N ASN C 75 -14.55 31.22 -5.39
CA ASN C 75 -13.51 30.54 -6.15
C ASN C 75 -12.29 31.44 -6.42
N ARG C 76 -12.48 32.74 -6.54
CA ARG C 76 -11.33 33.62 -6.72
C ARG C 76 -10.39 33.34 -5.54
N GLU C 77 -10.99 33.20 -4.36
CA GLU C 77 -10.24 32.94 -3.13
C GLU C 77 -9.56 31.58 -3.13
N LYS C 78 -10.34 30.54 -3.45
CA LYS C 78 -9.78 29.19 -3.51
C LYS C 78 -8.53 29.19 -4.44
N PHE C 79 -8.57 29.91 -5.55
CA PHE C 79 -7.42 29.95 -6.44
C PHE C 79 -6.23 30.43 -5.63
N TYR C 80 -6.35 31.63 -5.07
CA TYR C 80 -5.27 32.22 -4.25
C TYR C 80 -4.75 31.26 -3.18
N LEU C 81 -5.67 30.70 -2.42
CA LEU C 81 -5.37 29.80 -1.33
C LEU C 81 -4.62 28.57 -1.76
N TYR C 82 -5.11 27.92 -2.80
CA TYR C 82 -4.49 26.71 -3.28
C TYR C 82 -3.07 26.94 -3.74
N ASN C 83 -2.80 28.07 -4.39
CA ASN C 83 -1.45 28.31 -4.89
C ASN C 83 -0.52 28.52 -3.73
N GLU C 84 -0.97 29.31 -2.74
CA GLU C 84 -0.15 29.57 -1.55
C GLU C 84 0.13 28.26 -0.81
N LEU C 85 -0.90 27.42 -0.70
CA LEU C 85 -0.74 26.14 -0.06
C LEU C 85 0.28 25.23 -0.75
N SER C 86 0.34 25.27 -2.08
CA SER C 86 1.28 24.42 -2.81
C SER C 86 2.67 24.92 -2.58
N LEU C 87 2.80 26.23 -2.45
CA LEU C 87 4.09 26.84 -2.22
C LEU C 87 4.58 26.53 -0.83
N THR C 88 3.78 26.85 0.19
CA THR C 88 4.24 26.58 1.54
C THR C 88 4.34 25.11 1.91
N THR C 89 3.40 24.27 1.53
CA THR C 89 3.58 22.89 1.94
C THR C 89 4.83 22.33 1.32
N GLU C 90 5.20 22.74 0.12
CA GLU C 90 6.40 22.17 -0.48
C GLU C 90 7.65 22.58 0.25
N TYR C 91 7.66 23.78 0.80
CA TYR C 91 8.82 24.23 1.53
C TYR C 91 9.28 23.18 2.53
N TYR C 92 8.34 22.43 3.10
CA TYR C 92 8.69 21.40 4.05
C TYR C 92 8.16 19.98 3.80
N TYR C 93 7.88 19.64 2.55
CA TYR C 93 7.39 18.29 2.21
C TYR C 93 8.60 17.38 2.27
N PRO C 94 8.57 16.37 3.14
CA PRO C 94 9.70 15.46 3.28
C PRO C 94 10.01 14.55 2.16
N LEU C 95 9.01 14.23 1.33
CA LEU C 95 9.27 13.34 0.21
C LEU C 95 9.84 14.09 -0.97
N GLN C 96 9.66 15.41 -0.95
CA GLN C 96 10.11 16.29 -2.02
C GLN C 96 11.43 15.91 -2.66
N ASN C 97 12.42 15.52 -1.87
CA ASN C 97 13.71 15.15 -2.44
C ASN C 97 13.73 13.77 -3.09
N ALA C 98 13.01 12.82 -2.50
CA ALA C 98 12.93 11.47 -3.07
C ALA C 98 12.17 11.57 -4.37
N ILE C 99 11.19 12.48 -4.41
CA ILE C 99 10.44 12.71 -5.63
C ILE C 99 11.43 13.09 -6.75
N ILE C 100 12.13 14.21 -6.57
CA ILE C 100 13.08 14.69 -7.57
C ILE C 100 14.06 13.64 -8.04
N GLU C 101 14.65 12.93 -7.08
CA GLU C 101 15.60 11.88 -7.39
C GLU C 101 14.94 10.82 -8.30
N PHE C 102 13.61 10.72 -8.24
CA PHE C 102 12.84 9.73 -9.02
C PHE C 102 12.42 10.25 -10.40
N TYR C 103 11.73 11.38 -10.39
CA TYR C 103 11.23 12.03 -11.59
C TYR C 103 12.35 12.30 -12.60
N THR C 104 13.57 12.51 -12.11
CA THR C 104 14.70 12.80 -12.98
C THR C 104 15.44 11.53 -13.34
N GLU C 105 14.83 10.39 -13.07
CA GLU C 105 15.48 9.14 -13.41
C GLU C 105 14.50 8.32 -14.22
N TYR C 106 13.27 8.79 -14.23
CA TYR C 106 12.23 8.09 -14.95
C TYR C 106 11.42 8.99 -15.86
N TYR C 107 12.07 9.95 -16.51
CA TYR C 107 11.35 10.82 -17.43
C TYR C 107 11.60 10.43 -18.88
N LYS C 108 12.36 9.35 -19.08
CA LYS C 108 12.66 8.85 -20.42
C LYS C 108 12.14 7.43 -20.60
N THR C 109 11.28 7.01 -19.68
CA THR C 109 10.66 5.69 -19.71
C THR C 109 9.17 5.93 -19.73
N ASN C 110 8.49 5.42 -20.75
CA ASN C 110 7.05 5.64 -20.84
C ASN C 110 6.22 4.85 -19.83
N SER C 111 6.81 3.81 -19.26
CA SER C 111 6.13 3.04 -18.24
C SER C 111 5.75 4.02 -17.12
N ILE C 112 6.78 4.67 -16.57
CA ILE C 112 6.63 5.63 -15.50
C ILE C 112 6.01 6.98 -15.92
N ASN C 113 6.19 7.36 -17.18
CA ASN C 113 5.63 8.62 -17.69
C ASN C 113 4.11 8.56 -17.88
N GLU C 114 3.56 7.35 -17.88
CA GLU C 114 2.12 7.16 -18.04
C GLU C 114 1.41 7.30 -16.68
N LYS C 115 1.78 6.45 -15.75
CA LYS C 115 1.19 6.44 -14.41
C LYS C 115 1.47 7.77 -13.70
N MET C 116 2.58 8.43 -14.05
CA MET C 116 2.92 9.72 -13.46
C MET C 116 2.08 10.81 -14.07
N ASN C 117 1.29 10.45 -15.08
CA ASN C 117 0.46 11.40 -15.78
C ASN C 117 -0.95 11.40 -15.20
N LYS C 118 -1.41 10.20 -14.84
CA LYS C 118 -2.72 10.05 -14.26
C LYS C 118 -2.61 10.68 -12.88
N LEU C 119 -1.38 10.78 -12.41
CA LEU C 119 -1.08 11.35 -11.11
C LEU C 119 -1.16 12.88 -11.13
N GLU C 120 -0.60 13.47 -12.18
CA GLU C 120 -0.60 14.91 -12.32
C GLU C 120 -1.99 15.38 -12.64
N ASN C 121 -2.73 14.55 -13.37
CA ASN C 121 -4.09 14.95 -13.73
C ASN C 121 -4.91 15.15 -12.48
N LYS C 122 -4.64 14.35 -11.46
CA LYS C 122 -5.36 14.49 -10.20
C LYS C 122 -5.06 15.86 -9.60
N TYR C 123 -3.81 16.28 -9.66
CA TYR C 123 -3.45 17.58 -9.12
C TYR C 123 -4.15 18.67 -9.94
N ILE C 124 -4.24 18.48 -11.25
CA ILE C 124 -4.90 19.45 -12.13
C ILE C 124 -6.42 19.55 -11.88
N ASP C 125 -7.00 18.52 -11.29
CA ASP C 125 -8.43 18.52 -11.03
C ASP C 125 -8.86 19.59 -10.07
N ALA C 126 -8.04 19.84 -9.06
CA ALA C 126 -8.38 20.87 -8.08
C ALA C 126 -8.71 22.19 -8.80
N TYR C 127 -7.89 22.53 -9.79
CA TYR C 127 -8.04 23.74 -10.58
C TYR C 127 -9.28 23.65 -11.40
N HIS C 128 -9.41 22.53 -12.10
CA HIS C 128 -10.58 22.33 -12.90
C HIS C 128 -11.78 22.67 -12.03
N VAL C 129 -11.92 22.00 -10.90
CA VAL C 129 -13.05 22.31 -10.05
C VAL C 129 -13.19 23.80 -9.78
N ILE C 130 -12.12 24.46 -9.37
CA ILE C 130 -12.18 25.89 -9.13
C ILE C 130 -12.81 26.59 -10.34
N PHE C 131 -12.16 26.48 -11.48
CA PHE C 131 -12.65 27.17 -12.68
C PHE C 131 -14.09 26.83 -13.14
N LYS C 132 -14.43 25.55 -13.19
CA LYS C 132 -15.77 25.20 -13.58
C LYS C 132 -16.73 25.92 -12.64
N GLU C 133 -16.46 25.82 -11.34
CA GLU C 133 -17.32 26.45 -10.34
C GLU C 133 -17.35 27.97 -10.41
N GLY C 134 -16.22 28.58 -10.73
CA GLY C 134 -16.20 30.03 -10.81
C GLY C 134 -17.08 30.51 -11.95
N ASN C 135 -17.24 29.64 -12.95
CA ASN C 135 -18.08 29.90 -14.11
C ASN C 135 -19.55 29.97 -13.64
N LEU C 136 -20.02 28.90 -13.02
CA LEU C 136 -21.37 28.84 -12.51
C LEU C 136 -21.64 29.89 -11.43
N ASN C 137 -20.85 30.94 -11.39
CA ASN C 137 -21.05 31.99 -10.39
C ASN C 137 -20.63 33.31 -10.99
N GLY C 138 -20.51 33.35 -12.29
CA GLY C 138 -20.13 34.60 -12.90
C GLY C 138 -18.95 35.20 -12.20
N GLU C 139 -18.05 34.35 -11.72
CA GLU C 139 -16.86 34.87 -11.10
C GLU C 139 -15.96 35.20 -12.28
N TRP C 140 -16.14 34.42 -13.34
CA TRP C 140 -15.38 34.59 -14.58
C TRP C 140 -16.08 33.75 -15.63
N SER C 141 -15.51 33.72 -16.83
CA SER C 141 -16.07 32.89 -17.88
C SER C 141 -15.00 32.31 -18.77
N ILE C 142 -14.52 31.14 -18.40
CA ILE C 142 -13.49 30.49 -19.18
C ILE C 142 -14.21 29.47 -20.05
N ASN C 143 -13.97 29.52 -21.35
CA ASN C 143 -14.60 28.57 -22.23
C ASN C 143 -13.66 27.39 -22.47
N ASP C 144 -12.45 27.47 -21.90
CA ASP C 144 -11.46 26.40 -22.05
C ASP C 144 -10.91 25.94 -20.70
N VAL C 145 -11.82 25.73 -19.76
CA VAL C 145 -11.48 25.29 -18.43
C VAL C 145 -10.38 24.24 -18.39
N ASN C 146 -10.46 23.25 -19.29
CA ASN C 146 -9.44 22.20 -19.30
C ASN C 146 -8.05 22.78 -19.56
N ALA C 147 -7.96 23.65 -20.54
CA ALA C 147 -6.68 24.21 -20.87
C ALA C 147 -6.18 25.14 -19.78
N VAL C 148 -6.99 26.11 -19.39
CA VAL C 148 -6.59 27.05 -18.37
C VAL C 148 -6.10 26.29 -17.15
N SER C 149 -6.78 25.21 -16.79
CA SER C 149 -6.38 24.36 -15.68
C SER C 149 -4.96 23.79 -15.81
N LYS C 150 -4.61 23.21 -16.96
CA LYS C 150 -3.25 22.67 -17.13
C LYS C 150 -2.25 23.80 -16.99
N ILE C 151 -2.61 24.97 -17.52
CA ILE C 151 -1.74 26.12 -17.45
C ILE C 151 -1.50 26.52 -16.01
N ALA C 152 -2.57 26.78 -15.26
CA ALA C 152 -2.47 27.16 -13.87
C ALA C 152 -1.56 26.18 -13.10
N ALA C 153 -1.82 24.89 -13.26
CA ALA C 153 -1.01 23.91 -12.56
C ALA C 153 0.47 24.08 -12.87
N ASN C 154 0.83 24.13 -14.15
CA ASN C 154 2.22 24.26 -14.54
C ASN C 154 2.85 25.62 -14.27
N ALA C 155 2.10 26.70 -14.43
CA ALA C 155 2.67 28.00 -14.15
C ALA C 155 3.01 28.01 -12.67
N VAL C 156 2.03 27.66 -11.84
CA VAL C 156 2.26 27.65 -10.41
C VAL C 156 3.42 26.76 -9.99
N ASN C 157 3.45 25.51 -10.43
CA ASN C 157 4.55 24.64 -10.03
C ASN C 157 5.87 25.19 -10.46
N GLY C 158 5.84 25.97 -11.55
CA GLY C 158 7.06 26.57 -12.01
C GLY C 158 7.51 27.56 -10.95
N ILE C 159 6.58 28.40 -10.50
CA ILE C 159 6.89 29.38 -9.49
C ILE C 159 7.35 28.68 -8.21
N VAL C 160 6.75 27.54 -7.89
CA VAL C 160 7.17 26.80 -6.69
C VAL C 160 8.56 26.20 -6.85
N THR C 161 8.78 25.45 -7.92
CA THR C 161 10.04 24.78 -8.20
C THR C 161 11.29 25.61 -8.45
N PHE C 162 11.18 26.69 -9.21
CA PHE C 162 12.37 27.49 -9.52
C PHE C 162 12.40 28.84 -8.82
N THR C 163 12.56 28.84 -7.50
CA THR C 163 12.57 30.10 -6.79
C THR C 163 13.22 29.98 -5.42
N HIS C 164 13.56 28.75 -5.04
CA HIS C 164 14.18 28.47 -3.74
C HIS C 164 15.26 29.44 -3.22
N GLU C 165 15.66 30.41 -4.04
CA GLU C 165 16.66 31.37 -3.62
C GLU C 165 16.07 32.75 -3.35
N GLN C 166 15.14 32.79 -2.40
CA GLN C 166 14.48 34.02 -1.98
C GLN C 166 13.91 33.64 -0.61
N ASN C 167 13.66 34.62 0.25
CA ASN C 167 13.11 34.31 1.57
C ASN C 167 11.63 34.02 1.38
N ILE C 168 11.12 33.04 2.11
CA ILE C 168 9.75 32.62 1.98
C ILE C 168 8.75 33.76 1.80
N ASN C 169 9.01 34.89 2.42
CA ASN C 169 8.07 35.99 2.27
C ASN C 169 7.94 36.47 0.85
N GLU C 170 9.09 36.59 0.17
CA GLU C 170 9.16 37.05 -1.21
C GLU C 170 8.40 36.10 -2.10
N ARG C 171 8.65 34.79 -1.87
CA ARG C 171 7.99 33.76 -2.61
C ARG C 171 6.48 33.98 -2.47
N ILE C 172 6.00 34.08 -1.24
CA ILE C 172 4.58 34.29 -1.03
C ILE C 172 4.14 35.57 -1.74
N LYS C 173 4.95 36.61 -1.70
CA LYS C 173 4.54 37.85 -2.34
C LYS C 173 4.35 37.59 -3.85
N LEU C 174 5.37 36.97 -4.45
CA LEU C 174 5.33 36.63 -5.84
C LEU C 174 4.17 35.72 -6.24
N MET C 175 3.93 34.66 -5.49
CA MET C 175 2.81 33.81 -5.86
C MET C 175 1.50 34.57 -5.77
N ASN C 176 1.29 35.36 -4.71
CA ASN C 176 0.02 36.06 -4.66
C ASN C 176 -0.10 37.06 -5.80
N LYS C 177 1.00 37.73 -6.13
CA LYS C 177 1.00 38.68 -7.25
C LYS C 177 0.62 37.91 -8.50
N PHE C 178 1.21 36.73 -8.66
CA PHE C 178 0.92 35.91 -9.81
C PHE C 178 -0.54 35.55 -9.86
N SER C 179 -1.09 35.16 -8.72
CA SER C 179 -2.49 34.79 -8.73
C SER C 179 -3.35 35.97 -9.13
N GLN C 180 -2.92 37.17 -8.77
CA GLN C 180 -3.68 38.37 -9.10
C GLN C 180 -3.69 38.58 -10.61
N ILE C 181 -2.49 38.59 -11.21
CA ILE C 181 -2.33 38.75 -12.65
C ILE C 181 -3.14 37.68 -13.40
N PHE C 182 -2.90 36.43 -13.06
CA PHE C 182 -3.58 35.36 -13.72
C PHE C 182 -5.10 35.43 -13.65
N LEU C 183 -5.61 35.75 -12.48
CA LEU C 183 -7.04 35.83 -12.32
C LEU C 183 -7.62 37.06 -13.06
N ASN C 184 -6.81 38.11 -13.17
CA ASN C 184 -7.18 39.34 -13.84
C ASN C 184 -7.18 39.09 -15.34
N GLY C 185 -6.27 38.20 -15.77
CA GLY C 185 -6.14 37.84 -17.17
C GLY C 185 -7.40 37.30 -17.83
N LEU C 186 -8.54 37.62 -17.22
CA LEU C 186 -9.85 37.26 -17.73
C LEU C 186 -10.67 38.58 -17.68
N SER C 187 -10.04 39.65 -18.21
CA SER C 187 -10.53 41.05 -18.32
C SER C 187 -9.43 42.17 -18.43
N ASN D 2 14.36 -15.74 -12.19
CA ASN D 2 13.73 -16.40 -11.02
C ASN D 2 12.20 -16.34 -11.10
N LEU D 3 11.66 -16.67 -12.27
CA LEU D 3 10.21 -16.68 -12.43
C LEU D 3 9.70 -17.67 -11.40
N LYS D 4 10.57 -18.59 -10.99
CA LYS D 4 10.20 -19.58 -10.00
C LYS D 4 9.82 -18.86 -8.70
N ASP D 5 10.71 -17.99 -8.25
CA ASP D 5 10.47 -17.21 -7.04
C ASP D 5 9.29 -16.27 -7.17
N LYS D 6 9.12 -15.65 -8.33
CA LYS D 6 7.98 -14.76 -8.51
C LYS D 6 6.69 -15.61 -8.40
N ILE D 7 6.74 -16.85 -8.91
CA ILE D 7 5.59 -17.75 -8.88
C ILE D 7 5.24 -18.14 -7.44
N LEU D 8 6.24 -18.60 -6.68
CA LEU D 8 6.01 -18.96 -5.30
C LEU D 8 5.44 -17.76 -4.48
N GLY D 9 5.96 -16.57 -4.76
CA GLY D 9 5.48 -15.40 -4.05
C GLY D 9 4.02 -15.11 -4.31
N VAL D 10 3.69 -14.97 -5.59
CA VAL D 10 2.32 -14.68 -6.01
C VAL D 10 1.38 -15.80 -5.61
N ALA D 11 1.84 -17.03 -5.79
CA ALA D 11 1.04 -18.19 -5.42
C ALA D 11 0.72 -18.10 -3.93
N LYS D 12 1.75 -17.90 -3.09
CA LYS D 12 1.52 -17.81 -1.65
C LYS D 12 0.52 -16.69 -1.31
N GLU D 13 0.66 -15.53 -1.93
CA GLU D 13 -0.28 -14.47 -1.59
C GLU D 13 -1.69 -14.80 -2.00
N LEU D 14 -1.85 -15.41 -3.17
CA LEU D 14 -3.18 -15.75 -3.65
C LEU D 14 -3.85 -16.78 -2.72
N PHE D 15 -3.11 -17.83 -2.36
CA PHE D 15 -3.66 -18.80 -1.43
C PHE D 15 -4.07 -18.10 -0.14
N ILE D 16 -3.23 -17.19 0.37
CA ILE D 16 -3.63 -16.51 1.58
C ILE D 16 -4.90 -15.71 1.37
N LYS D 17 -4.98 -14.99 0.27
CA LYS D 17 -6.15 -14.17 0.01
C LYS D 17 -7.42 -14.93 -0.35
N ASN D 18 -7.30 -15.93 -1.22
CA ASN D 18 -8.45 -16.67 -1.70
C ASN D 18 -8.69 -18.07 -1.20
N GLY D 19 -7.68 -18.71 -0.60
CA GLY D 19 -7.84 -20.07 -0.15
C GLY D 19 -7.31 -20.96 -1.26
N TYR D 20 -7.43 -22.27 -1.08
CA TYR D 20 -6.91 -23.17 -2.09
C TYR D 20 -7.74 -23.39 -3.34
N ASN D 21 -9.03 -23.66 -3.18
CA ASN D 21 -9.84 -23.90 -4.34
C ASN D 21 -9.90 -22.74 -5.29
N ALA D 22 -10.28 -21.60 -4.78
CA ALA D 22 -10.42 -20.49 -5.68
C ALA D 22 -9.17 -19.97 -6.33
N THR D 23 -8.01 -20.56 -6.03
CA THR D 23 -6.79 -20.04 -6.62
C THR D 23 -6.33 -20.91 -7.75
N THR D 24 -6.38 -20.36 -8.95
CA THR D 24 -6.04 -21.14 -10.14
C THR D 24 -4.70 -20.82 -10.72
N THR D 25 -4.13 -21.84 -11.34
CA THR D 25 -2.86 -21.77 -12.01
C THR D 25 -2.74 -20.54 -12.95
N GLY D 26 -3.87 -20.12 -13.52
CA GLY D 26 -3.89 -19.00 -14.44
C GLY D 26 -3.57 -17.67 -13.79
N GLU D 27 -4.37 -17.29 -12.80
CA GLU D 27 -4.14 -16.07 -12.07
C GLU D 27 -2.69 -16.04 -11.58
N ILE D 28 -2.24 -17.16 -11.03
CA ILE D 28 -0.88 -17.20 -10.54
C ILE D 28 0.03 -16.70 -11.62
N VAL D 29 -0.13 -17.26 -12.80
CA VAL D 29 0.66 -16.90 -13.98
C VAL D 29 0.36 -15.48 -14.41
N LYS D 30 -0.92 -15.14 -14.50
CA LYS D 30 -1.36 -13.81 -14.90
C LYS D 30 -0.82 -12.71 -14.00
N LEU D 31 -0.29 -13.05 -12.82
CA LEU D 31 0.24 -12.04 -11.91
C LEU D 31 1.72 -12.17 -11.64
N SER D 32 2.36 -13.19 -12.20
CA SER D 32 3.79 -13.35 -12.00
C SER D 32 4.47 -13.12 -13.33
N GLU D 33 3.73 -12.50 -14.26
CA GLU D 33 4.24 -12.26 -15.60
C GLU D 33 4.97 -13.51 -16.08
N SER D 34 4.26 -14.63 -15.99
CA SER D 34 4.77 -15.94 -16.35
C SER D 34 3.83 -16.61 -17.35
N SER D 35 4.01 -17.92 -17.51
CA SER D 35 3.18 -18.72 -18.43
C SER D 35 2.73 -20.02 -17.78
N LYS D 36 1.52 -20.48 -18.11
CA LYS D 36 1.04 -21.74 -17.56
C LYS D 36 2.14 -22.74 -17.92
N GLY D 37 2.71 -22.58 -19.11
CA GLY D 37 3.78 -23.46 -19.55
C GLY D 37 4.91 -23.47 -18.55
N ASN D 38 5.55 -22.31 -18.39
CA ASN D 38 6.67 -22.14 -17.49
C ASN D 38 6.39 -22.61 -16.06
N LEU D 39 5.21 -22.26 -15.54
CA LEU D 39 4.84 -22.67 -14.21
C LEU D 39 4.96 -24.16 -14.09
N TYR D 40 4.21 -24.87 -14.94
CA TYR D 40 4.17 -26.35 -14.95
C TYR D 40 5.53 -27.02 -15.03
N TYR D 41 6.48 -26.41 -15.74
CA TYR D 41 7.82 -26.98 -15.80
C TYR D 41 8.44 -27.02 -14.38
N HIS D 42 8.54 -25.86 -13.73
CA HIS D 42 9.14 -25.76 -12.39
C HIS D 42 8.42 -26.56 -11.31
N PHE D 43 7.09 -26.52 -11.33
CA PHE D 43 6.27 -27.25 -10.37
C PHE D 43 5.39 -28.13 -11.23
N LYS D 44 5.40 -29.45 -11.01
CA LYS D 44 4.60 -30.34 -11.85
C LYS D 44 3.13 -30.05 -11.83
N THR D 45 2.62 -29.67 -10.66
CA THR D 45 1.20 -29.38 -10.52
C THR D 45 0.95 -28.30 -9.48
N LYS D 46 -0.31 -27.88 -9.38
CA LYS D 46 -0.70 -26.88 -8.40
C LYS D 46 -0.41 -27.41 -7.01
N GLU D 47 -0.95 -28.57 -6.73
CA GLU D 47 -0.80 -29.25 -5.46
C GLU D 47 0.66 -29.29 -5.06
N ASN D 48 1.51 -29.59 -6.02
CA ASN D 48 2.93 -29.69 -5.77
C ASN D 48 3.54 -28.31 -5.48
N LEU D 49 2.94 -27.27 -6.07
CA LEU D 49 3.37 -25.91 -5.83
C LEU D 49 3.02 -25.59 -4.37
N PHE D 50 1.77 -25.84 -4.02
CA PHE D 50 1.29 -25.58 -2.69
C PHE D 50 2.15 -26.29 -1.67
N LEU D 51 2.59 -27.49 -2.01
CA LEU D 51 3.41 -28.24 -1.08
C LEU D 51 4.80 -27.64 -0.88
N GLU D 52 5.37 -27.08 -1.93
CA GLU D 52 6.67 -26.48 -1.76
C GLU D 52 6.56 -25.19 -0.93
N ILE D 53 5.42 -24.54 -1.04
CA ILE D 53 5.17 -23.33 -0.31
C ILE D 53 5.05 -23.70 1.18
N LEU D 54 4.22 -24.69 1.46
CA LEU D 54 3.98 -25.18 2.81
C LEU D 54 5.30 -25.52 3.46
N ASN D 55 6.21 -26.05 2.67
CA ASN D 55 7.51 -26.45 3.18
C ASN D 55 8.29 -25.25 3.63
N ILE D 56 8.50 -24.33 2.72
CA ILE D 56 9.24 -23.12 3.00
C ILE D 56 8.66 -22.47 4.25
N GLU D 57 7.35 -22.24 4.24
CA GLU D 57 6.70 -21.65 5.38
C GLU D 57 7.13 -22.31 6.67
N GLU D 58 6.95 -23.61 6.80
CA GLU D 58 7.33 -24.27 8.03
C GLU D 58 8.78 -24.02 8.37
N SER D 59 9.66 -24.18 7.40
CA SER D 59 11.08 -23.97 7.61
C SER D 59 11.37 -22.55 8.15
N LYS D 60 10.84 -21.55 7.49
CA LYS D 60 11.03 -20.17 7.90
C LYS D 60 10.53 -20.03 9.35
N TRP D 61 9.47 -20.76 9.68
CA TRP D 61 8.89 -20.72 11.01
C TRP D 61 9.73 -21.41 12.06
N GLN D 62 10.33 -22.55 11.73
CA GLN D 62 11.16 -23.24 12.71
C GLN D 62 12.35 -22.38 13.07
N GLU D 63 12.94 -21.79 12.04
CA GLU D 63 14.11 -20.93 12.13
C GLU D 63 13.82 -19.73 13.02
N GLN D 64 12.70 -19.10 12.75
CA GLN D 64 12.27 -17.96 13.54
C GLN D 64 12.04 -18.37 14.99
N TRP D 65 11.50 -19.58 15.22
CA TRP D 65 11.27 -20.03 16.58
C TRP D 65 12.62 -20.30 17.25
N LYS D 66 13.58 -20.78 16.47
CA LYS D 66 14.91 -21.08 16.98
C LYS D 66 15.57 -19.81 17.51
N LYS D 67 15.56 -18.75 16.72
CA LYS D 67 16.19 -17.51 17.12
C LYS D 67 15.43 -16.82 18.23
N GLU D 68 14.15 -17.12 18.37
CA GLU D 68 13.35 -16.42 19.35
C GLU D 68 13.21 -17.05 20.71
N GLN D 69 13.25 -18.37 20.79
CA GLN D 69 13.06 -19.05 22.06
C GLN D 69 14.16 -18.75 23.07
N ILE D 70 15.34 -18.47 22.57
CA ILE D 70 16.47 -18.12 23.41
C ILE D 70 16.04 -16.99 24.36
N LYS D 71 15.08 -16.17 23.93
CA LYS D 71 14.61 -15.04 24.72
C LYS D 71 13.77 -15.43 25.94
N ALA D 72 13.35 -16.69 26.04
CA ALA D 72 12.55 -17.14 27.17
C ALA D 72 13.31 -18.16 28.06
N LYS D 73 13.51 -17.78 29.31
CA LYS D 73 14.23 -18.57 30.30
C LYS D 73 13.69 -19.98 30.50
N THR D 74 12.51 -20.04 31.10
CA THR D 74 11.81 -21.28 31.42
C THR D 74 10.79 -21.71 30.38
N ASN D 75 10.43 -22.99 30.39
CA ASN D 75 9.45 -23.48 29.44
C ASN D 75 8.07 -22.87 29.65
N ARG D 76 7.69 -22.60 30.90
CA ARG D 76 6.39 -21.94 31.11
C ARG D 76 6.43 -20.75 30.11
N GLU D 77 7.60 -20.11 30.04
CA GLU D 77 7.81 -18.94 29.21
C GLU D 77 7.80 -19.20 27.72
N LYS D 78 8.56 -20.19 27.26
CA LYS D 78 8.59 -20.50 25.86
C LYS D 78 7.18 -20.74 25.35
N PHE D 79 6.35 -21.34 26.19
CA PHE D 79 4.96 -21.62 25.82
C PHE D 79 4.14 -20.34 25.60
N TYR D 80 4.32 -19.36 26.47
CA TYR D 80 3.62 -18.09 26.34
C TYR D 80 4.17 -17.38 25.11
N LEU D 81 5.50 -17.37 24.99
CA LEU D 81 6.13 -16.69 23.90
C LEU D 81 5.64 -17.26 22.60
N TYR D 82 5.91 -18.54 22.35
CA TYR D 82 5.47 -19.18 21.12
C TYR D 82 4.00 -18.85 20.74
N ASN D 83 3.06 -18.95 21.67
CA ASN D 83 1.66 -18.67 21.37
C ASN D 83 1.41 -17.23 20.99
N GLU D 84 2.32 -16.33 21.37
CA GLU D 84 2.22 -14.91 21.07
C GLU D 84 2.78 -14.70 19.67
N LEU D 85 3.86 -15.39 19.35
CA LEU D 85 4.42 -15.26 18.04
C LEU D 85 3.37 -15.68 17.04
N SER D 86 2.82 -16.88 17.25
CA SER D 86 1.77 -17.39 16.38
C SER D 86 0.81 -16.29 15.95
N LEU D 87 0.60 -15.32 16.82
CA LEU D 87 -0.30 -14.23 16.51
C LEU D 87 0.25 -13.16 15.57
N THR D 88 1.57 -13.01 15.55
CA THR D 88 2.20 -11.97 14.78
C THR D 88 3.02 -12.46 13.61
N THR D 89 3.53 -13.68 13.69
CA THR D 89 4.35 -14.21 12.61
C THR D 89 3.67 -14.04 11.24
N GLU D 90 4.46 -14.00 10.19
CA GLU D 90 3.86 -13.87 8.89
C GLU D 90 3.86 -15.25 8.25
N TYR D 91 4.35 -16.24 9.00
CA TYR D 91 4.44 -17.59 8.46
C TYR D 91 3.40 -18.62 8.85
N TYR D 92 3.12 -19.53 7.91
CA TYR D 92 2.20 -20.61 8.16
C TYR D 92 0.81 -20.24 8.63
N TYR D 93 0.69 -19.65 9.81
CA TYR D 93 -0.65 -19.36 10.27
C TYR D 93 -1.52 -18.63 9.26
N PRO D 94 -0.97 -17.72 8.47
CA PRO D 94 -1.97 -17.12 7.58
C PRO D 94 -2.53 -18.03 6.48
N LEU D 95 -1.86 -19.14 6.19
CA LEU D 95 -2.31 -20.09 5.15
C LEU D 95 -3.17 -21.22 5.73
N GLN D 96 -3.67 -21.10 6.94
CA GLN D 96 -4.44 -22.20 7.52
C GLN D 96 -5.61 -22.57 6.65
N ASN D 97 -6.39 -21.55 6.35
CA ASN D 97 -7.56 -21.72 5.55
C ASN D 97 -7.27 -22.49 4.26
N ALA D 98 -6.19 -22.18 3.59
CA ALA D 98 -5.90 -22.88 2.36
C ALA D 98 -5.52 -24.30 2.73
N ILE D 99 -4.87 -24.44 3.87
CA ILE D 99 -4.45 -25.75 4.32
C ILE D 99 -5.61 -26.66 4.68
N ILE D 100 -6.63 -26.17 5.38
CA ILE D 100 -7.71 -27.09 5.72
C ILE D 100 -8.35 -27.48 4.42
N GLU D 101 -8.48 -26.54 3.50
CA GLU D 101 -9.05 -26.83 2.20
C GLU D 101 -8.22 -27.90 1.51
N PHE D 102 -6.97 -27.61 1.22
CA PHE D 102 -6.09 -28.58 0.54
C PHE D 102 -6.05 -29.95 1.21
N TYR D 103 -6.10 -29.99 2.54
CA TYR D 103 -6.05 -31.26 3.23
C TYR D 103 -7.35 -32.07 3.07
N THR D 104 -8.50 -31.41 3.03
CA THR D 104 -9.71 -32.20 2.83
C THR D 104 -9.73 -32.70 1.39
N GLU D 105 -9.46 -31.83 0.43
CA GLU D 105 -9.46 -32.26 -0.95
C GLU D 105 -8.38 -33.29 -1.26
N TYR D 106 -7.45 -33.57 -0.34
CA TYR D 106 -6.39 -34.55 -0.63
C TYR D 106 -5.97 -35.45 0.51
N TYR D 107 -6.89 -35.80 1.42
CA TYR D 107 -6.49 -36.66 2.53
C TYR D 107 -6.40 -38.12 2.14
N LYS D 108 -6.77 -38.42 0.90
CA LYS D 108 -6.68 -39.78 0.38
C LYS D 108 -5.70 -39.78 -0.80
N THR D 109 -4.41 -39.94 -0.49
CA THR D 109 -3.34 -39.96 -1.49
C THR D 109 -2.03 -40.30 -0.79
N ASN D 110 -1.63 -41.56 -0.86
CA ASN D 110 -0.40 -42.03 -0.23
C ASN D 110 0.66 -40.95 -0.10
N SER D 111 1.14 -40.45 -1.24
CA SER D 111 2.17 -39.42 -1.25
C SER D 111 1.79 -38.16 -0.45
N ILE D 112 0.73 -37.49 -0.89
CA ILE D 112 0.27 -36.27 -0.23
C ILE D 112 -0.01 -36.44 1.25
N ASN D 113 -0.90 -37.37 1.61
CA ASN D 113 -1.24 -37.60 3.00
C ASN D 113 -0.02 -37.76 3.93
N GLU D 114 1.06 -38.38 3.46
CA GLU D 114 2.25 -38.56 4.30
C GLU D 114 3.12 -37.31 4.26
N LYS D 115 3.38 -36.83 3.05
CA LYS D 115 4.18 -35.62 2.83
C LYS D 115 3.60 -34.54 3.74
N MET D 116 2.29 -34.63 3.95
CA MET D 116 1.52 -33.69 4.76
C MET D 116 1.68 -33.91 6.26
N ASN D 117 1.48 -35.15 6.69
CA ASN D 117 1.60 -35.50 8.10
C ASN D 117 2.97 -35.12 8.64
N LYS D 118 3.99 -35.32 7.82
CA LYS D 118 5.34 -34.99 8.21
C LYS D 118 5.37 -33.49 8.53
N LEU D 119 4.57 -32.72 7.82
CA LEU D 119 4.51 -31.29 8.05
C LEU D 119 3.74 -31.04 9.34
N GLU D 120 2.68 -31.81 9.54
CA GLU D 120 1.86 -31.67 10.75
C GLU D 120 2.68 -31.89 12.00
N ASN D 121 3.46 -32.95 12.00
CA ASN D 121 4.28 -33.27 13.16
C ASN D 121 5.24 -32.18 13.50
N LYS D 122 5.82 -31.56 12.49
CA LYS D 122 6.76 -30.49 12.77
C LYS D 122 6.10 -29.32 13.48
N TYR D 123 4.90 -28.95 13.05
CA TYR D 123 4.23 -27.86 13.72
C TYR D 123 3.85 -28.20 15.12
N ILE D 124 3.67 -29.49 15.39
CA ILE D 124 3.27 -29.90 16.72
C ILE D 124 4.47 -30.18 17.61
N ASP D 125 5.60 -30.48 16.99
CA ASP D 125 6.79 -30.78 17.77
C ASP D 125 7.24 -29.63 18.66
N ALA D 126 7.06 -28.41 18.19
CA ALA D 126 7.48 -27.27 18.99
C ALA D 126 6.81 -27.37 20.35
N TYR D 127 5.54 -27.78 20.38
CA TYR D 127 4.83 -27.92 21.64
C TYR D 127 5.31 -29.14 22.40
N HIS D 128 5.58 -30.21 21.66
CA HIS D 128 6.08 -31.46 22.22
C HIS D 128 7.35 -31.16 23.03
N VAL D 129 8.30 -30.50 22.39
CA VAL D 129 9.55 -30.15 23.06
C VAL D 129 9.36 -29.24 24.27
N ILE D 130 8.45 -28.30 24.19
CA ILE D 130 8.25 -27.45 25.34
C ILE D 130 7.71 -28.26 26.51
N PHE D 131 6.83 -29.20 26.21
CA PHE D 131 6.23 -30.04 27.24
C PHE D 131 7.13 -31.13 27.81
N LYS D 132 7.91 -31.79 26.97
CA LYS D 132 8.82 -32.81 27.45
C LYS D 132 9.85 -32.13 28.35
N GLU D 133 10.45 -31.05 27.86
CA GLU D 133 11.44 -30.32 28.64
C GLU D 133 10.80 -29.83 29.92
N GLY D 134 9.53 -29.47 29.83
CA GLY D 134 8.85 -28.99 31.02
C GLY D 134 8.89 -30.08 32.06
N ASN D 135 8.60 -31.31 31.62
CA ASN D 135 8.60 -32.46 32.50
C ASN D 135 9.92 -32.57 33.26
N LEU D 136 10.98 -32.99 32.57
CA LEU D 136 12.27 -33.15 33.22
C LEU D 136 12.86 -31.83 33.69
N ASN D 137 12.03 -31.02 34.34
CA ASN D 137 12.42 -29.72 34.86
C ASN D 137 11.43 -29.29 35.92
N GLY D 138 10.53 -30.20 36.26
CA GLY D 138 9.55 -29.92 37.28
C GLY D 138 8.78 -28.61 37.15
N GLU D 139 8.33 -28.32 35.93
CA GLU D 139 7.53 -27.12 35.69
C GLU D 139 6.13 -27.68 35.79
N TRP D 140 6.04 -28.95 35.43
CA TRP D 140 4.78 -29.68 35.43
C TRP D 140 5.09 -31.15 35.13
N SER D 141 4.04 -31.97 35.10
CA SER D 141 4.15 -33.37 34.78
C SER D 141 2.95 -33.66 33.90
N ILE D 142 3.22 -34.14 32.68
CA ILE D 142 2.14 -34.40 31.74
C ILE D 142 1.91 -35.87 31.41
N ASN D 143 0.64 -36.27 31.47
CA ASN D 143 0.21 -37.63 31.13
C ASN D 143 0.91 -38.02 29.81
N ASP D 144 0.27 -37.66 28.69
CA ASP D 144 0.82 -37.93 27.37
C ASP D 144 1.11 -36.58 26.75
N VAL D 145 2.39 -36.29 26.62
CA VAL D 145 2.85 -35.05 26.03
C VAL D 145 2.22 -34.93 24.65
N ASN D 146 2.39 -35.97 23.85
CA ASN D 146 1.87 -35.98 22.49
C ASN D 146 0.42 -35.55 22.37
N ALA D 147 -0.39 -35.93 23.35
CA ALA D 147 -1.79 -35.55 23.32
C ALA D 147 -1.94 -34.06 23.51
N VAL D 148 -1.49 -33.57 24.67
CA VAL D 148 -1.57 -32.15 25.00
C VAL D 148 -0.94 -31.28 23.91
N SER D 149 0.10 -31.78 23.24
CA SER D 149 0.71 -31.02 22.16
C SER D 149 -0.29 -30.79 21.03
N LYS D 150 -1.00 -31.83 20.61
CA LYS D 150 -2.00 -31.67 19.57
C LYS D 150 -3.05 -30.65 20.04
N ILE D 151 -3.54 -30.80 21.28
CA ILE D 151 -4.55 -29.90 21.86
C ILE D 151 -4.09 -28.45 21.80
N ALA D 152 -2.90 -28.19 22.35
CA ALA D 152 -2.34 -26.86 22.38
C ALA D 152 -2.29 -26.32 20.96
N ALA D 153 -1.51 -26.98 20.11
CA ALA D 153 -1.40 -26.52 18.73
C ALA D 153 -2.77 -26.14 18.17
N ASN D 154 -3.70 -27.07 18.13
CA ASN D 154 -4.97 -26.72 17.58
C ASN D 154 -5.76 -25.69 18.35
N ALA D 155 -5.65 -25.62 19.66
CA ALA D 155 -6.44 -24.60 20.34
C ALA D 155 -5.83 -23.24 19.96
N VAL D 156 -4.50 -23.16 20.01
CA VAL D 156 -3.81 -21.92 19.69
C VAL D 156 -4.12 -21.49 18.26
N ASN D 157 -4.03 -22.43 17.34
CA ASN D 157 -4.32 -22.15 15.95
C ASN D 157 -5.74 -21.56 15.84
N GLY D 158 -6.63 -21.97 16.72
CA GLY D 158 -7.97 -21.45 16.67
C GLY D 158 -8.04 -20.04 17.21
N ILE D 159 -7.20 -19.72 18.20
CA ILE D 159 -7.19 -18.36 18.76
C ILE D 159 -6.60 -17.44 17.68
N VAL D 160 -5.55 -17.90 17.04
CA VAL D 160 -4.91 -17.12 16.00
C VAL D 160 -5.85 -16.81 14.84
N THR D 161 -6.31 -17.84 14.14
CA THR D 161 -7.18 -17.59 13.00
C THR D 161 -8.65 -17.24 13.24
N PHE D 162 -9.09 -17.05 14.48
CA PHE D 162 -10.49 -16.68 14.74
C PHE D 162 -10.63 -15.41 15.54
N THR D 163 -9.55 -14.66 15.64
CA THR D 163 -9.58 -13.38 16.33
C THR D 163 -8.87 -12.40 15.40
N HIS D 164 -8.66 -12.86 14.17
CA HIS D 164 -7.98 -12.08 13.13
C HIS D 164 -8.67 -10.76 12.85
N GLU D 165 -9.80 -10.57 13.51
CA GLU D 165 -10.58 -9.35 13.34
C GLU D 165 -9.96 -8.32 14.24
N GLN D 166 -10.09 -8.57 15.54
CA GLN D 166 -9.61 -7.72 16.60
C GLN D 166 -8.27 -7.04 16.42
N ASN D 167 -8.01 -6.12 17.33
CA ASN D 167 -6.80 -5.34 17.33
C ASN D 167 -5.63 -6.12 17.92
N ILE D 168 -4.52 -6.13 17.20
CA ILE D 168 -3.33 -6.82 17.64
C ILE D 168 -3.06 -6.89 19.11
N ASN D 169 -3.10 -5.74 19.78
CA ASN D 169 -2.77 -5.76 21.18
C ASN D 169 -3.77 -6.45 22.10
N GLU D 170 -4.97 -6.67 21.59
CA GLU D 170 -6.01 -7.32 22.37
C GLU D 170 -6.00 -8.84 22.11
N ARG D 171 -5.49 -9.22 20.94
CA ARG D 171 -5.37 -10.62 20.61
C ARG D 171 -4.33 -11.19 21.55
N ILE D 172 -3.26 -10.44 21.77
CA ILE D 172 -2.20 -10.91 22.66
C ILE D 172 -2.70 -11.02 24.09
N LYS D 173 -3.69 -10.22 24.44
CA LYS D 173 -4.22 -10.28 25.79
C LYS D 173 -4.94 -11.65 25.93
N LEU D 174 -5.90 -11.93 25.03
CA LEU D 174 -6.61 -13.22 25.02
C LEU D 174 -5.63 -14.40 24.98
N MET D 175 -4.69 -14.36 24.06
CA MET D 175 -3.69 -15.41 23.96
C MET D 175 -2.97 -15.58 25.27
N ASN D 176 -2.74 -14.51 26.02
CA ASN D 176 -2.00 -14.66 27.27
C ASN D 176 -2.84 -15.29 28.37
N LYS D 177 -4.11 -14.90 28.46
CA LYS D 177 -5.00 -15.49 29.44
C LYS D 177 -5.11 -16.99 29.06
N PHE D 178 -5.24 -17.28 27.77
CA PHE D 178 -5.35 -18.67 27.37
C PHE D 178 -4.14 -19.42 27.84
N SER D 179 -2.96 -18.92 27.50
CA SER D 179 -1.75 -19.61 27.91
C SER D 179 -1.70 -19.82 29.42
N GLN D 180 -2.22 -18.87 30.17
CA GLN D 180 -2.21 -18.95 31.62
C GLN D 180 -3.10 -20.14 31.99
N ILE D 181 -4.39 -19.97 31.76
CA ILE D 181 -5.38 -21.01 32.03
C ILE D 181 -4.87 -22.38 31.66
N PHE D 182 -4.47 -22.55 30.41
CA PHE D 182 -3.98 -23.83 29.95
C PHE D 182 -2.84 -24.35 30.77
N LEU D 183 -1.89 -23.49 31.11
CA LEU D 183 -0.77 -23.96 31.88
C LEU D 183 -1.19 -24.30 33.29
N ASN D 184 -2.12 -23.54 33.84
CA ASN D 184 -2.60 -23.79 35.18
C ASN D 184 -3.17 -25.21 35.24
N GLY D 185 -4.24 -25.44 34.48
CA GLY D 185 -4.89 -26.73 34.44
C GLY D 185 -4.00 -27.92 34.10
N LEU D 186 -2.69 -27.75 34.03
CA LEU D 186 -1.84 -28.90 33.74
C LEU D 186 -1.39 -29.61 35.02
N SER D 187 -1.03 -28.83 36.03
CA SER D 187 -0.59 -29.36 37.32
C SER D 187 0.50 -30.43 37.14
S SO4 E . 46.27 21.08 -22.57
O1 SO4 E . 45.44 19.94 -22.15
O2 SO4 E . 45.57 21.82 -23.63
O3 SO4 E . 46.51 21.96 -21.42
O4 SO4 E . 47.57 20.58 -23.07
S SO4 F . 16.02 49.23 -15.45
O1 SO4 F . 17.19 49.47 -16.33
O2 SO4 F . 15.27 50.48 -15.27
O3 SO4 F . 15.14 48.23 -16.09
O4 SO4 F . 16.49 48.73 -14.15
S SO4 G . 21.70 28.83 -32.95
O1 SO4 G . 23.14 28.52 -32.85
O2 SO4 G . 21.02 28.30 -31.77
O3 SO4 G . 21.53 30.29 -33.00
O4 SO4 G . 21.15 28.20 -34.18
S SO4 H . 25.28 32.47 -36.69
O1 SO4 H . 26.42 33.39 -36.50
O2 SO4 H . 24.07 33.26 -36.91
O3 SO4 H . 25.54 31.60 -37.86
O4 SO4 H . 25.12 31.63 -35.49
S SO4 I . 32.99 18.07 -6.41
O1 SO4 I . 34.02 18.25 -5.37
O2 SO4 I . 32.39 19.37 -6.75
O3 SO4 I . 33.61 17.48 -7.61
O4 SO4 I . 31.93 17.16 -5.90
S SO4 J . 31.76 13.78 -8.58
O1 SO4 J . 30.50 13.44 -7.89
O2 SO4 J . 32.77 12.75 -8.33
O3 SO4 J . 31.50 13.87 -10.03
O4 SO4 J . 32.27 15.08 -8.09
S SO4 K . -20.41 -18.46 -12.78
O1 SO4 K . -19.52 -17.62 -13.61
O2 SO4 K . -20.97 -17.65 -11.68
O3 SO4 K . -21.51 -18.98 -13.63
O4 SO4 K . -19.62 -19.59 -12.26
S SO4 L . -40.32 -21.19 -5.68
O1 SO4 L . -39.76 -20.59 -6.90
O2 SO4 L . -41.58 -20.50 -5.33
O3 SO4 L . -40.60 -22.62 -5.94
O4 SO4 L . -39.38 -21.07 -4.55
S SO4 M . -29.61 -24.94 5.59
O1 SO4 M . -29.16 -25.01 4.18
O2 SO4 M . -30.90 -24.22 5.65
O3 SO4 M . -29.78 -26.29 6.15
O4 SO4 M . -28.60 -24.21 6.38
S SO4 N . -23.20 -10.45 32.71
O1 SO4 N . -22.32 -11.61 32.46
O2 SO4 N . -23.87 -10.61 34.01
O3 SO4 N . -22.40 -9.21 32.70
O4 SO4 N . -24.23 -10.38 31.64
S SO4 O . -18.40 -33.21 2.44
O1 SO4 O . -18.87 -34.42 1.75
O2 SO4 O . -19.34 -32.84 3.50
O3 SO4 O . -17.06 -33.47 3.02
O4 SO4 O . -18.29 -32.11 1.46
S SO4 P . -0.38 -0.20 9.20
O1 SO4 P . -1.37 -0.59 8.17
O2 SO4 P . -0.92 -0.54 10.54
O3 SO4 P . -0.12 1.25 9.12
O4 SO4 P . 0.89 -0.91 8.98
S SO4 Q . -4.23 -5.84 -2.67
O1 SO4 Q . -5.34 -4.90 -2.87
O2 SO4 Q . -4.41 -6.54 -1.39
O3 SO4 Q . -2.96 -5.10 -2.67
O4 SO4 Q . -4.20 -6.83 -3.76
S SO4 R . 12.00 -13.39 1.31
O1 SO4 R . 13.35 -13.92 1.08
O2 SO4 R . 11.40 -14.07 2.47
O3 SO4 R . 12.08 -11.94 1.56
O4 SO4 R . 11.15 -13.64 0.11
S SO4 S . 11.00 -12.02 -6.39
O1 SO4 S . 10.94 -13.37 -5.80
O2 SO4 S . 9.62 -11.53 -6.65
O3 SO4 S . 11.68 -11.11 -5.45
O4 SO4 S . 11.74 -12.05 -7.67
S SO4 T . 15.56 1.22 -9.54
O1 SO4 T . 14.80 0.07 -9.00
O2 SO4 T . 16.07 0.88 -10.89
O3 SO4 T . 14.67 2.39 -9.66
O4 SO4 T . 16.69 1.54 -8.65
S SO4 U . -16.79 19.44 -16.70
O1 SO4 U . -16.40 20.83 -16.96
O2 SO4 U . -18.23 19.29 -17.03
O3 SO4 U . -15.98 18.52 -17.53
O4 SO4 U . -16.57 19.10 -15.28
S SO4 V . -1.89 -7.64 2.95
O1 SO4 V . -2.48 -8.68 2.07
O2 SO4 V . -1.80 -8.15 4.33
O3 SO4 V . -0.54 -7.32 2.45
O4 SO4 V . -2.74 -6.44 2.93
C1 CVI W . 5.07 18.69 -8.33
C2 CVI W . 4.58 18.64 -6.91
C3 CVI W . 3.71 19.64 -6.35
C4 CVI W . 3.23 19.57 -5.03
C5 CVI W . 3.60 18.46 -4.15
C6 CVI W . 4.50 17.45 -4.71
C7 CVI W . 4.96 17.55 -6.01
C8 CVI W . 6.47 18.56 -8.68
C9 CVI W . 7.42 19.61 -8.48
C10 CVI W . 8.76 19.45 -8.86
C11 CVI W . 9.26 18.20 -9.47
C12 CVI W . 8.29 17.16 -9.66
C13 CVI W . 6.97 17.33 -9.28
C14 CVI W . 4.07 18.75 -9.43
C15 CVI W . 4.42 19.41 -10.67
C16 CVI W . 3.54 19.48 -11.75
C17 CVI W . 2.25 18.89 -11.69
C18 CVI W . 1.87 18.22 -10.46
C19 CVI W . 2.75 18.16 -9.37
C20 CVI W . 3.38 17.24 -1.98
C21 CVI W . 2.19 19.41 -2.30
C22 CVI W . 11.07 16.78 -10.49
C23 CVI W . 11.60 19.05 -9.71
C24 CVI W . -0.03 19.10 -12.63
C25 CVI W . 1.87 18.88 -14.13
N1 CVI W . 3.10 18.39 -2.84
N2 CVI W . 10.57 18.03 -9.86
N3 CVI W . 1.41 18.95 -12.76
S SO4 X . -7.02 -21.44 -15.31
O1 SO4 X . -7.27 -21.79 -16.72
O2 SO4 X . -5.59 -21.19 -15.14
O3 SO4 X . -7.78 -20.22 -14.94
O4 SO4 X . -7.40 -22.56 -14.42
S SO4 Y . -3.40 -27.96 -12.21
O1 SO4 Y . -3.30 -29.05 -13.20
O2 SO4 Y . -2.06 -27.41 -11.98
O3 SO4 Y . -4.30 -26.91 -12.72
O4 SO4 Y . -3.93 -28.49 -10.94
S SO4 Z . 7.06 -18.55 0.43
O1 SO4 Z . 7.90 -19.15 -0.63
O2 SO4 Z . 7.81 -18.58 1.71
O3 SO4 Z . 6.74 -17.15 0.09
O4 SO4 Z . 5.83 -19.34 0.57
S SO4 AA . 13.81 -26.09 -10.04
O1 SO4 AA . 13.32 -27.42 -9.67
O2 SO4 AA . 12.65 -25.22 -10.35
O3 SO4 AA . 14.57 -25.51 -8.92
O4 SO4 AA . 14.67 -26.18 -11.24
S SO4 BA . 9.51 -38.55 24.46
O1 SO4 BA . 10.40 -39.07 23.41
O2 SO4 BA . 10.16 -38.64 25.77
O3 SO4 BA . 9.19 -37.13 24.18
O4 SO4 BA . 8.25 -39.33 24.48
S SO4 CA . -0.56 -42.43 -4.37
O1 SO4 CA . -0.57 -43.91 -4.27
O2 SO4 CA . 0.73 -41.94 -3.85
O3 SO4 CA . -0.73 -42.03 -5.77
O4 SO4 CA . -1.66 -41.88 -3.56
#